data_2B7F
#
_entry.id   2B7F
#
_cell.length_a   134.319
_cell.length_b   77.793
_cell.length_c   80.376
_cell.angle_alpha   90.00
_cell.angle_beta   99.28
_cell.angle_gamma   90.00
#
_symmetry.space_group_name_H-M   'C 1 2 1'
#
loop_
_entity.id
_entity.type
_entity.pdbx_description
1 polymer 'HTLV protease'
2 polymer '(ACE)APQV(STA)VMHP peptide'
3 non-polymer 'PHOSPHATE ION'
4 water water
#
loop_
_entity_poly.entity_id
_entity_poly.type
_entity_poly.pdbx_seq_one_letter_code
_entity_poly.pdbx_strand_id
1 'polypeptide(L)'
;PVIPLDPARRPVIKAQVDTQTSHPKTIEALLDTGADMTVIPIALFSSNTPLKNTSVLGAGGQTQDHFKLTSLPVLIRLPF
RTTPIVLTSCLVDTKNNWAIIGRDALQQCQGVLYLP
;
A,B,C,D,E,F
2 'polypeptide(L)' (ACE)APQV(STA)VMHP I,J,K
#
loop_
_chem_comp.id
_chem_comp.type
_chem_comp.name
_chem_comp.formula
ACE non-polymer 'ACETYL GROUP' 'C2 H4 O'
PO4 non-polymer 'PHOSPHATE ION' 'O4 P -3'
STA peptide-like STATINE 'C8 H17 N O3'
#
# COMPACT_ATOMS: atom_id res chain seq x y z
N PRO A 1 26.27 -21.16 -4.46
CA PRO A 1 25.80 -22.57 -4.68
C PRO A 1 24.41 -22.67 -5.29
N VAL A 2 24.25 -23.77 -6.02
CA VAL A 2 22.99 -24.30 -6.53
C VAL A 2 22.36 -25.32 -5.58
N ILE A 3 21.29 -24.97 -4.86
CA ILE A 3 20.58 -25.93 -3.99
C ILE A 3 19.52 -26.65 -4.82
N PRO A 4 19.63 -28.00 -4.94
CA PRO A 4 18.57 -28.86 -5.60
C PRO A 4 17.38 -28.92 -4.67
N LEU A 5 16.18 -28.94 -5.21
CA LEU A 5 15.01 -29.03 -4.34
C LEU A 5 14.47 -30.47 -4.31
N ASP A 6 14.07 -30.88 -3.11
CA ASP A 6 13.81 -32.22 -2.80
C ASP A 6 12.84 -32.19 -1.67
N PRO A 7 11.68 -32.83 -1.83
CA PRO A 7 10.70 -32.87 -0.71
C PRO A 7 11.21 -33.58 0.57
N ALA A 8 12.10 -34.54 0.50
CA ALA A 8 12.50 -35.20 1.77
C ALA A 8 13.65 -34.46 2.51
N ARG A 9 14.26 -33.47 1.86
CA ARG A 9 15.40 -32.76 2.41
C ARG A 9 15.18 -31.25 2.41
N ARG A 10 14.80 -30.69 3.55
CA ARG A 10 14.72 -29.21 3.71
C ARG A 10 15.98 -28.49 3.23
N PRO A 11 15.85 -27.43 2.40
CA PRO A 11 17.03 -26.61 2.06
C PRO A 11 17.39 -25.61 3.21
N VAL A 12 18.40 -25.96 4.02
CA VAL A 12 18.74 -25.21 5.24
C VAL A 12 20.10 -24.60 5.08
N ILE A 13 20.36 -23.48 5.72
CA ILE A 13 21.75 -22.94 5.71
C ILE A 13 22.20 -22.61 7.15
N LYS A 14 23.52 -22.54 7.38
CA LYS A 14 24.06 -22.06 8.67
C LYS A 14 24.27 -20.56 8.58
N ALA A 15 23.57 -19.80 9.42
CA ALA A 15 23.67 -18.34 9.40
C ALA A 15 23.98 -17.72 10.78
N GLN A 16 24.81 -16.68 10.75
CA GLN A 16 25.10 -15.95 11.94
C GLN A 16 24.15 -14.76 11.99
N VAL A 17 23.40 -14.72 13.08
CA VAL A 17 22.31 -13.82 13.23
C VAL A 17 22.63 -12.90 14.39
N ASP A 18 22.46 -11.59 14.18
CA ASP A 18 22.84 -10.53 15.11
C ASP A 18 21.60 -9.71 15.46
N THR A 19 21.09 -9.93 16.67
CA THR A 19 19.91 -9.19 17.08
C THR A 19 20.26 -7.78 17.55
N GLN A 20 21.54 -7.47 17.74
CA GLN A 20 21.95 -6.20 18.40
C GLN A 20 21.38 -6.03 19.83
N THR A 21 20.98 -7.15 20.45
CA THR A 21 20.48 -7.18 21.83
C THR A 21 21.12 -8.28 22.70
N SER A 22 21.90 -9.19 22.06
CA SER A 22 22.81 -10.19 22.69
C SER A 22 23.82 -10.57 21.64
N HIS A 23 24.85 -11.35 22.03
CA HIS A 23 26.01 -11.66 21.14
C HIS A 23 25.45 -12.42 19.95
N PRO A 24 26.11 -12.29 18.78
CA PRO A 24 25.66 -12.89 17.53
C PRO A 24 25.68 -14.39 17.73
N LYS A 25 24.88 -15.15 16.99
CA LYS A 25 24.78 -16.59 17.15
C LYS A 25 24.55 -17.25 15.80
N THR A 26 25.20 -18.38 15.56
CA THR A 26 25.04 -19.15 14.34
C THR A 26 23.95 -20.19 14.49
N ILE A 27 22.88 -20.08 13.71
CA ILE A 27 21.75 -20.99 13.82
C ILE A 27 21.49 -21.67 12.45
N GLU A 28 20.72 -22.74 12.46
CA GLU A 28 20.34 -23.37 11.19
C GLU A 28 19.01 -22.76 10.80
N ALA A 29 18.95 -22.22 9.60
CA ALA A 29 17.74 -21.52 9.13
C ALA A 29 17.20 -22.11 7.79
N LEU A 30 15.87 -22.22 7.66
CA LEU A 30 15.24 -22.66 6.41
C LEU A 30 15.25 -21.55 5.37
N LEU A 31 15.77 -21.88 4.20
CA LEU A 31 15.80 -21.09 2.98
C LEU A 31 14.44 -21.15 2.36
N ASP A 32 13.69 -20.05 2.29
CA ASP A 32 12.21 -20.16 2.06
C ASP A 32 11.57 -19.09 1.12
N THR A 33 11.46 -19.43 -0.16
CA THR A 33 10.92 -18.48 -1.13
C THR A 33 9.49 -18.08 -0.80
N GLY A 34 8.80 -18.84 0.06
CA GLY A 34 7.39 -18.53 0.36
C GLY A 34 7.15 -17.64 1.56
N ALA A 35 8.24 -17.02 2.02
CA ALA A 35 8.23 -16.08 3.15
C ALA A 35 8.51 -14.63 2.70
N ASP A 36 7.57 -13.71 2.94
CA ASP A 36 7.87 -12.27 2.68
C ASP A 36 8.99 -11.67 3.55
N MET A 37 9.11 -12.09 4.80
CA MET A 37 10.15 -11.59 5.71
C MET A 37 10.82 -12.72 6.46
N THR A 38 12.02 -12.48 6.93
CA THR A 38 12.71 -13.46 7.75
C THR A 38 12.08 -13.61 9.14
N VAL A 39 12.23 -14.85 9.66
CA VAL A 39 11.74 -15.19 10.98
C VAL A 39 12.90 -15.71 11.93
N ILE A 40 12.95 -15.16 13.15
CA ILE A 40 14.04 -15.44 14.06
C ILE A 40 13.41 -15.82 15.38
N PRO A 41 13.91 -16.90 16.02
CA PRO A 41 13.39 -17.43 17.28
C PRO A 41 13.52 -16.42 18.43
N ILE A 42 12.48 -16.22 19.24
CA ILE A 42 12.52 -15.23 20.32
C ILE A 42 13.68 -15.49 21.25
N ALA A 43 14.11 -16.76 21.33
CA ALA A 43 15.18 -17.13 22.24
C ALA A 43 16.47 -16.37 21.98
N LEU A 44 16.66 -15.78 20.80
CA LEU A 44 17.94 -15.14 20.46
C LEU A 44 18.07 -13.72 20.93
N PHE A 45 17.00 -13.17 21.54
CA PHE A 45 16.92 -11.76 22.01
C PHE A 45 16.98 -11.70 23.55
N SER A 46 17.62 -10.68 24.12
CA SER A 46 17.58 -10.46 25.59
C SER A 46 16.11 -10.44 26.07
N SER A 47 15.80 -11.20 27.13
CA SER A 47 14.39 -11.31 27.57
C SER A 47 13.92 -10.06 28.31
N ASN A 48 14.13 -8.92 27.64
CA ASN A 48 14.25 -7.60 28.23
C ASN A 48 14.17 -6.59 27.06
N THR A 49 13.88 -7.12 25.87
CA THR A 49 13.83 -6.36 24.63
C THR A 49 12.40 -5.95 24.29
N PRO A 50 12.23 -4.72 23.81
CA PRO A 50 10.95 -4.39 23.17
C PRO A 50 10.75 -4.89 21.70
N LEU A 51 9.49 -5.27 21.42
CA LEU A 51 9.09 -5.93 20.18
C LEU A 51 7.70 -5.42 19.79
N LYS A 52 7.46 -5.08 18.52
CA LYS A 52 6.17 -4.53 18.13
C LYS A 52 5.17 -5.63 17.79
N ASN A 53 3.91 -5.26 17.78
CA ASN A 53 2.89 -6.18 17.33
C ASN A 53 2.73 -6.29 15.83
N THR A 54 2.25 -7.42 15.36
CA THR A 54 2.14 -7.65 13.93
C THR A 54 1.20 -8.83 13.61
N SER A 55 0.69 -8.90 12.41
CA SER A 55 -0.15 -9.99 12.06
C SER A 55 0.50 -10.71 10.86
N VAL A 56 0.46 -12.04 10.84
CA VAL A 56 1.13 -12.82 9.82
C VAL A 56 0.11 -13.79 9.31
N LEU A 57 0.13 -14.05 8.00
CA LEU A 57 -0.72 -15.08 7.43
C LEU A 57 0.01 -16.42 7.24
N GLY A 58 -0.47 -17.44 7.92
CA GLY A 58 0.17 -18.74 7.89
C GLY A 58 -0.77 -19.74 7.27
N ALA A 59 -0.29 -20.97 7.12
CA ALA A 59 -1.04 -22.11 6.56
C ALA A 59 -2.33 -22.34 7.32
N GLY A 60 -2.28 -22.19 8.65
CA GLY A 60 -3.48 -22.17 9.44
C GLY A 60 -4.18 -20.82 9.58
N GLY A 61 -4.15 -19.93 8.62
CA GLY A 61 -4.83 -18.62 8.81
C GLY A 61 -4.05 -17.53 9.53
N GLN A 62 -4.58 -16.30 9.55
CA GLN A 62 -4.00 -15.13 10.27
C GLN A 62 -3.73 -15.39 11.75
N THR A 63 -2.61 -14.93 12.22
CA THR A 63 -2.27 -15.01 13.63
C THR A 63 -1.77 -13.62 14.02
N GLN A 64 -2.25 -13.16 15.16
CA GLN A 64 -1.85 -11.87 15.70
C GLN A 64 -0.99 -11.96 16.95
N ASP A 65 -0.92 -13.13 17.58
CA ASP A 65 -0.18 -13.32 18.83
C ASP A 65 1.23 -13.89 18.71
N HIS A 66 1.53 -14.58 17.61
CA HIS A 66 2.63 -15.53 17.49
C HIS A 66 3.91 -14.93 17.04
N PHE A 67 3.80 -13.90 16.21
CA PHE A 67 4.98 -13.25 15.75
C PHE A 67 5.04 -11.81 16.22
N LYS A 68 6.18 -11.36 16.71
CA LYS A 68 6.33 -9.92 16.93
C LYS A 68 7.24 -9.39 15.80
N LEU A 69 7.34 -8.07 15.70
CA LEU A 69 8.27 -7.40 14.78
C LEU A 69 9.43 -6.82 15.62
N THR A 70 10.65 -6.68 15.06
CA THR A 70 11.82 -6.20 15.84
C THR A 70 11.83 -4.68 15.90
N SER A 71 12.23 -4.13 17.05
CA SER A 71 12.43 -2.67 17.18
C SER A 71 13.67 -2.21 16.40
N LEU A 72 14.80 -2.98 16.50
CA LEU A 72 16.09 -2.70 15.82
C LEU A 72 16.29 -3.55 14.56
N PRO A 73 17.12 -3.08 13.60
CA PRO A 73 17.55 -3.97 12.52
C PRO A 73 18.25 -5.27 12.95
N VAL A 74 18.36 -6.23 12.02
CA VAL A 74 19.01 -7.54 12.31
C VAL A 74 20.04 -7.75 11.19
N LEU A 75 21.28 -8.08 11.56
CA LEU A 75 22.31 -8.41 10.56
C LEU A 75 22.49 -9.92 10.45
N ILE A 76 22.66 -10.41 9.23
CA ILE A 76 22.78 -11.80 9.07
C ILE A 76 23.94 -12.03 8.16
N ARG A 77 24.94 -12.76 8.64
CA ARG A 77 26.08 -13.23 7.80
C ARG A 77 25.91 -14.72 7.38
N LEU A 78 26.12 -15.01 6.10
CA LEU A 78 26.05 -16.39 5.57
C LEU A 78 27.45 -17.01 5.44
N PRO A 79 27.56 -18.37 5.24
CA PRO A 79 28.95 -18.94 5.21
C PRO A 79 29.88 -18.24 4.19
N PHE A 80 31.07 -17.87 4.66
CA PHE A 80 32.18 -17.34 3.84
C PHE A 80 31.94 -15.92 3.39
N ARG A 81 31.19 -15.11 4.15
CA ARG A 81 30.91 -13.74 3.72
C ARG A 81 31.15 -12.76 4.88
N THR A 82 32.03 -11.77 4.66
CA THR A 82 32.24 -10.70 5.67
C THR A 82 30.98 -9.78 5.72
N THR A 83 30.35 -9.55 4.56
CA THR A 83 29.36 -8.48 4.44
C THR A 83 27.97 -9.01 4.75
N PRO A 84 27.26 -8.34 5.66
CA PRO A 84 25.98 -8.80 6.19
C PRO A 84 24.76 -8.38 5.39
N ILE A 85 23.78 -9.26 5.27
CA ILE A 85 22.44 -8.88 4.95
C ILE A 85 21.95 -7.90 6.02
N VAL A 86 21.28 -6.81 5.63
CA VAL A 86 20.75 -5.94 6.66
C VAL A 86 19.24 -5.80 6.62
N LEU A 87 18.54 -6.17 7.69
CA LEU A 87 17.09 -6.21 7.66
C LEU A 87 16.55 -5.12 8.58
N THR A 88 15.80 -4.18 7.97
CA THR A 88 15.30 -2.98 8.59
C THR A 88 14.56 -3.43 9.81
N SER A 89 13.72 -4.45 9.62
CA SER A 89 13.17 -5.22 10.74
C SER A 89 12.78 -6.61 10.25
N CYS A 90 12.41 -7.48 11.17
CA CYS A 90 11.95 -8.76 10.75
C CYS A 90 11.08 -9.38 11.82
N LEU A 91 10.49 -10.56 11.51
CA LEU A 91 9.64 -11.21 12.43
C LEU A 91 10.37 -12.01 13.50
N VAL A 92 9.74 -12.11 14.67
CA VAL A 92 10.25 -12.85 15.80
C VAL A 92 9.26 -13.92 16.20
N ASP A 93 9.69 -15.16 16.28
CA ASP A 93 8.82 -16.26 16.66
C ASP A 93 8.87 -16.46 18.18
N THR A 94 7.75 -16.11 18.74
CA THR A 94 7.45 -16.21 20.13
C THR A 94 7.50 -17.60 20.76
N LYS A 95 7.31 -18.66 19.95
CA LYS A 95 7.33 -20.05 20.42
C LYS A 95 8.64 -20.80 20.09
N ASN A 96 9.58 -20.13 19.45
CA ASN A 96 10.88 -20.72 19.07
C ASN A 96 10.73 -21.94 18.21
N ASN A 97 9.76 -21.96 17.31
CA ASN A 97 9.75 -23.09 16.40
C ASN A 97 10.63 -22.92 15.19
N TRP A 98 10.79 -21.68 14.72
CA TRP A 98 11.25 -21.40 13.35
C TRP A 98 12.41 -20.46 13.22
N ALA A 99 13.32 -20.86 12.35
CA ALA A 99 14.29 -19.97 11.82
C ALA A 99 14.20 -20.11 10.27
N ILE A 100 13.80 -19.01 9.65
CA ILE A 100 13.50 -18.95 8.25
C ILE A 100 14.19 -17.71 7.59
N ILE A 101 15.02 -17.98 6.60
CA ILE A 101 15.56 -16.94 5.77
C ILE A 101 14.60 -16.72 4.59
N GLY A 102 14.00 -15.51 4.55
CA GLY A 102 12.93 -15.16 3.64
C GLY A 102 13.32 -14.27 2.49
N ARG A 103 12.32 -13.81 1.77
CA ARG A 103 12.62 -13.10 0.52
C ARG A 103 13.39 -11.81 0.77
N ASP A 104 13.21 -11.19 1.94
CA ASP A 104 14.02 -9.99 2.27
C ASP A 104 15.55 -10.31 2.26
N ALA A 105 15.92 -11.41 2.92
CA ALA A 105 17.31 -11.70 3.03
C ALA A 105 17.79 -12.17 1.68
N LEU A 106 16.95 -12.93 0.99
CA LEU A 106 17.42 -13.53 -0.22
C LEU A 106 17.59 -12.47 -1.35
N GLN A 107 16.82 -11.39 -1.31
CA GLN A 107 17.01 -10.33 -2.29
C GLN A 107 18.44 -9.77 -2.22
N GLN A 108 18.90 -9.54 -1.00
CA GLN A 108 20.22 -8.98 -0.73
C GLN A 108 21.40 -9.88 -1.05
N CYS A 109 21.24 -11.21 -1.03
CA CYS A 109 22.14 -12.19 -1.71
C CYS A 109 21.94 -12.32 -3.20
N GLN A 110 20.91 -11.66 -3.72
CA GLN A 110 20.49 -11.83 -5.10
C GLN A 110 20.31 -13.28 -5.44
N GLY A 111 19.60 -14.01 -4.61
CA GLY A 111 19.18 -15.35 -4.95
C GLY A 111 18.05 -15.36 -5.99
N VAL A 112 17.99 -16.42 -6.75
CA VAL A 112 16.94 -16.59 -7.75
C VAL A 112 16.39 -18.03 -7.67
N LEU A 113 15.15 -18.25 -8.07
CA LEU A 113 14.75 -19.60 -8.42
C LEU A 113 15.07 -19.73 -9.86
N TYR A 114 15.30 -20.95 -10.28
CA TYR A 114 15.51 -21.24 -11.66
C TYR A 114 14.67 -22.51 -12.00
N LEU A 115 13.83 -22.42 -13.03
CA LEU A 115 13.03 -23.56 -13.51
C LEU A 115 13.43 -23.86 -14.95
N PRO A 116 14.15 -24.97 -15.18
CA PRO A 116 14.72 -25.23 -16.53
C PRO A 116 13.69 -25.30 -17.69
N PRO B 1 12.46 -20.46 -16.80
CA PRO B 1 12.84 -19.08 -16.49
C PRO B 1 13.63 -18.89 -15.18
N VAL B 2 14.34 -17.76 -15.09
CA VAL B 2 14.95 -17.32 -13.85
C VAL B 2 13.93 -16.47 -13.16
N ILE B 3 13.69 -16.68 -11.86
CA ILE B 3 12.69 -15.94 -11.11
C ILE B 3 13.43 -15.21 -9.99
N PRO B 4 13.38 -13.88 -9.99
CA PRO B 4 14.13 -13.07 -9.01
C PRO B 4 13.43 -13.03 -7.65
N LEU B 5 14.17 -13.03 -6.55
CA LEU B 5 13.54 -13.06 -5.22
C LEU B 5 13.41 -11.65 -4.60
N ASP B 6 12.19 -11.26 -4.26
CA ASP B 6 11.90 -9.92 -3.85
C ASP B 6 10.86 -9.92 -2.72
N PRO B 7 11.16 -9.26 -1.58
CA PRO B 7 10.14 -9.31 -0.49
C PRO B 7 8.76 -8.70 -0.92
N ALA B 8 8.75 -7.78 -1.84
CA ALA B 8 7.52 -7.07 -2.19
C ALA B 8 6.83 -7.60 -3.46
N ARG B 9 7.29 -8.69 -4.06
CA ARG B 9 6.64 -9.24 -5.26
C ARG B 9 6.84 -10.70 -5.22
N ARG B 10 5.82 -11.44 -4.77
CA ARG B 10 5.89 -12.91 -4.62
C ARG B 10 6.22 -13.67 -5.94
N PRO B 11 7.01 -14.75 -5.84
CA PRO B 11 7.34 -15.47 -7.11
C PRO B 11 6.13 -16.34 -7.47
N VAL B 12 5.23 -15.79 -8.25
CA VAL B 12 4.06 -16.55 -8.60
C VAL B 12 4.09 -16.98 -10.07
N ILE B 13 3.71 -18.21 -10.36
CA ILE B 13 3.45 -18.51 -11.76
C ILE B 13 2.04 -19.05 -12.04
N LYS B 14 1.55 -18.90 -13.27
CA LYS B 14 0.27 -19.47 -13.68
C LYS B 14 0.49 -20.95 -13.87
N ALA B 15 -0.51 -21.75 -13.55
CA ALA B 15 -0.35 -23.18 -13.57
C ALA B 15 -1.70 -23.91 -13.83
N GLN B 16 -1.70 -24.87 -14.75
CA GLN B 16 -2.88 -25.60 -15.01
C GLN B 16 -2.89 -26.82 -14.11
N VAL B 17 -3.92 -26.93 -13.32
CA VAL B 17 -4.02 -28.02 -12.38
C VAL B 17 -5.17 -28.93 -12.74
N ASP B 18 -4.85 -30.22 -12.78
CA ASP B 18 -5.81 -31.28 -13.04
C ASP B 18 -5.98 -32.20 -11.89
N THR B 19 -7.10 -31.99 -11.26
CA THR B 19 -7.51 -32.63 -10.06
C THR B 19 -8.15 -34.04 -10.30
N GLN B 20 -8.38 -34.38 -11.57
CA GLN B 20 -9.03 -35.63 -11.96
C GLN B 20 -10.47 -35.70 -11.45
N THR B 21 -11.08 -34.56 -11.16
CA THR B 21 -12.39 -34.56 -10.51
C THR B 21 -13.37 -33.64 -11.23
N SER B 22 -12.89 -32.99 -12.28
CA SER B 22 -13.56 -31.87 -12.91
C SER B 22 -12.54 -31.28 -13.88
N HIS B 23 -12.91 -30.45 -14.85
CA HIS B 23 -11.93 -29.96 -15.82
C HIS B 23 -10.83 -29.16 -15.16
N PRO B 24 -9.58 -29.38 -15.66
CA PRO B 24 -8.39 -28.69 -15.29
C PRO B 24 -8.61 -27.20 -15.27
N LYS B 25 -8.02 -26.51 -14.30
CA LYS B 25 -8.18 -25.09 -14.20
C LYS B 25 -6.86 -24.40 -14.11
N THR B 26 -6.82 -23.15 -14.54
CA THR B 26 -5.70 -22.26 -14.35
C THR B 26 -5.74 -21.58 -13.00
N ILE B 27 -4.65 -21.68 -12.23
CA ILE B 27 -4.55 -20.96 -10.95
C ILE B 27 -3.28 -20.10 -10.90
N GLU B 28 -3.22 -19.20 -9.97
CA GLU B 28 -2.00 -18.44 -9.78
C GLU B 28 -1.31 -19.07 -8.55
N ALA B 29 -0.06 -19.53 -8.66
CA ALA B 29 0.64 -20.28 -7.58
C ALA B 29 1.97 -19.67 -7.15
N LEU B 30 2.25 -19.80 -5.84
CA LEU B 30 3.51 -19.34 -5.19
C LEU B 30 4.58 -20.43 -5.21
N LEU B 31 5.77 -20.18 -5.74
CA LEU B 31 6.84 -21.18 -5.65
C LEU B 31 7.53 -21.07 -4.30
N ASP B 32 7.52 -22.16 -3.57
CA ASP B 32 7.82 -22.08 -2.16
C ASP B 32 8.75 -23.23 -1.74
N THR B 33 10.05 -22.90 -1.70
CA THR B 33 11.07 -23.78 -1.25
C THR B 33 10.88 -24.21 0.20
N GLY B 34 9.98 -23.57 0.93
CA GLY B 34 9.74 -23.94 2.30
C GLY B 34 8.45 -24.69 2.48
N ALA B 35 7.89 -25.24 1.39
CA ALA B 35 6.70 -26.09 1.53
C ALA B 35 7.09 -27.50 1.26
N ASP B 36 6.79 -28.42 2.14
CA ASP B 36 7.24 -29.80 1.87
C ASP B 36 6.47 -30.34 0.68
N MET B 37 5.27 -29.83 0.50
CA MET B 37 4.31 -30.51 -0.28
C MET B 37 3.41 -29.44 -0.93
N THR B 38 2.79 -29.78 -2.07
CA THR B 38 2.05 -28.83 -2.82
C THR B 38 0.67 -28.63 -2.23
N VAL B 39 0.16 -27.41 -2.39
CA VAL B 39 -1.16 -27.01 -1.86
C VAL B 39 -2.00 -26.43 -2.99
N ILE B 40 -3.23 -26.88 -3.07
CA ILE B 40 -4.10 -26.35 -4.12
C ILE B 40 -5.41 -26.15 -3.39
N PRO B 41 -6.19 -25.11 -3.75
CA PRO B 41 -7.48 -24.78 -3.12
C PRO B 41 -8.60 -25.79 -3.34
N ILE B 42 -9.45 -26.01 -2.35
CA ILE B 42 -10.53 -26.96 -2.48
C ILE B 42 -11.52 -26.65 -3.60
N ALA B 43 -11.54 -25.40 -4.00
CA ALA B 43 -12.42 -24.95 -5.02
C ALA B 43 -12.10 -25.65 -6.35
N LEU B 44 -10.94 -26.30 -6.49
CA LEU B 44 -10.67 -26.97 -7.73
C LEU B 44 -11.46 -28.27 -7.86
N PHE B 45 -12.00 -28.73 -6.73
CA PHE B 45 -12.63 -30.06 -6.63
C PHE B 45 -14.14 -29.98 -6.64
N SER B 46 -14.73 -30.96 -7.32
CA SER B 46 -16.19 -31.23 -7.36
C SER B 46 -16.72 -31.39 -5.94
N SER B 47 -18.02 -31.23 -5.77
CA SER B 47 -18.59 -31.38 -4.40
C SER B 47 -18.74 -32.81 -3.88
N ASN B 48 -18.80 -33.79 -4.79
CA ASN B 48 -18.92 -35.21 -4.42
C ASN B 48 -17.61 -35.80 -3.94
N THR B 49 -16.68 -34.96 -3.48
CA THR B 49 -15.26 -35.36 -3.42
C THR B 49 -14.73 -35.75 -2.04
N PRO B 50 -14.44 -37.07 -1.89
CA PRO B 50 -13.83 -37.72 -0.73
C PRO B 50 -12.37 -37.27 -0.52
N LEU B 51 -12.03 -36.68 0.63
CA LEU B 51 -10.65 -36.27 0.87
C LEU B 51 -10.22 -36.72 2.25
N LYS B 52 -9.00 -37.21 2.37
CA LYS B 52 -8.50 -37.62 3.67
C LYS B 52 -8.10 -36.40 4.57
N ASN B 53 -8.35 -36.45 5.88
CA ASN B 53 -7.84 -35.44 6.84
C ASN B 53 -6.33 -35.51 7.05
N THR B 54 -5.73 -34.46 7.59
CA THR B 54 -4.28 -34.39 7.80
C THR B 54 -3.80 -33.22 8.70
N SER B 55 -2.60 -33.38 9.23
CA SER B 55 -1.95 -32.36 10.06
C SER B 55 -1.06 -31.53 9.17
N VAL B 56 -1.11 -30.23 9.27
CA VAL B 56 -0.04 -29.44 8.69
C VAL B 56 0.49 -28.46 9.71
N LEU B 57 1.83 -28.49 9.87
CA LEU B 57 2.66 -27.50 10.55
C LEU B 57 2.78 -26.20 9.76
N GLY B 58 2.22 -25.11 10.28
CA GLY B 58 2.37 -23.78 9.65
C GLY B 58 3.09 -22.73 10.51
N ALA B 59 3.07 -21.46 10.08
CA ALA B 59 3.69 -20.39 10.81
C ALA B 59 3.21 -20.33 12.28
N GLY B 60 1.89 -20.29 12.46
CA GLY B 60 1.27 -20.35 13.80
C GLY B 60 0.92 -21.73 14.40
N GLY B 61 1.75 -22.74 14.14
CA GLY B 61 1.58 -24.06 14.72
C GLY B 61 0.88 -25.08 13.82
N GLN B 62 0.46 -26.20 14.41
CA GLN B 62 -0.04 -27.34 13.68
C GLN B 62 -1.52 -27.23 13.52
N THR B 63 -2.01 -27.29 12.28
CA THR B 63 -3.41 -27.14 12.03
C THR B 63 -3.99 -28.49 11.70
N GLN B 64 -5.16 -28.81 12.27
CA GLN B 64 -5.81 -30.13 12.05
C GLN B 64 -6.89 -30.16 10.96
N ASP B 65 -7.57 -29.03 10.76
CA ASP B 65 -8.83 -28.99 10.04
C ASP B 65 -8.71 -28.19 8.77
N HIS B 66 -7.61 -27.47 8.61
CA HIS B 66 -7.48 -26.53 7.51
C HIS B 66 -7.10 -27.19 6.20
N PHE B 67 -6.25 -28.22 6.26
CA PHE B 67 -5.78 -28.91 5.07
C PHE B 67 -6.31 -30.30 4.96
N LYS B 68 -6.50 -30.75 3.73
CA LYS B 68 -6.86 -32.13 3.45
C LYS B 68 -5.88 -32.69 2.43
N LEU B 69 -5.93 -34.00 2.29
CA LEU B 69 -5.00 -34.75 1.49
C LEU B 69 -5.77 -35.44 0.38
N THR B 70 -5.27 -35.40 -0.87
CA THR B 70 -5.92 -36.15 -1.95
C THR B 70 -5.61 -37.68 -1.95
N SER B 71 -6.53 -38.42 -2.56
CA SER B 71 -6.37 -39.83 -2.72
C SER B 71 -5.80 -40.14 -4.08
N LEU B 72 -6.17 -39.33 -5.07
CA LEU B 72 -5.60 -39.49 -6.37
C LEU B 72 -4.40 -38.52 -6.68
N PRO B 73 -3.50 -38.92 -7.59
CA PRO B 73 -2.54 -37.93 -8.07
C PRO B 73 -3.24 -36.67 -8.57
N VAL B 74 -2.46 -35.60 -8.81
CA VAL B 74 -2.93 -34.27 -9.26
C VAL B 74 -1.95 -33.92 -10.33
N LEU B 75 -2.35 -33.55 -11.53
CA LEU B 75 -1.32 -33.23 -12.50
C LEU B 75 -1.23 -31.73 -12.69
N ILE B 76 -0.02 -31.20 -12.84
CA ILE B 76 0.14 -29.77 -12.94
C ILE B 76 0.93 -29.46 -14.18
N ARG B 77 0.43 -28.53 -15.01
CA ARG B 77 1.15 -28.11 -16.20
C ARG B 77 1.68 -26.68 -16.07
N LEU B 78 2.96 -26.48 -16.22
CA LEU B 78 3.49 -25.12 -16.14
C LEU B 78 3.45 -24.47 -17.49
N PRO B 79 3.53 -23.14 -17.53
CA PRO B 79 3.45 -22.47 -18.82
C PRO B 79 4.37 -23.03 -19.92
N PHE B 80 3.76 -23.16 -21.10
CA PHE B 80 4.43 -23.55 -22.35
C PHE B 80 5.14 -24.89 -22.19
N ARG B 81 4.62 -25.84 -21.41
CA ARG B 81 5.22 -27.19 -21.32
C ARG B 81 4.12 -28.22 -21.46
N THR B 82 4.36 -29.29 -22.22
CA THR B 82 3.26 -30.23 -22.40
C THR B 82 3.25 -31.33 -21.33
N THR B 83 4.40 -31.90 -21.01
CA THR B 83 4.46 -32.93 -19.93
C THR B 83 3.97 -32.38 -18.60
N PRO B 84 3.00 -33.04 -17.96
CA PRO B 84 2.63 -32.64 -16.59
C PRO B 84 3.70 -33.00 -15.53
N ILE B 85 3.68 -32.28 -14.42
CA ILE B 85 4.19 -32.75 -13.15
C ILE B 85 3.04 -33.63 -12.66
N VAL B 86 3.36 -34.81 -12.11
CA VAL B 86 2.34 -35.65 -11.48
C VAL B 86 2.75 -35.79 -10.02
N LEU B 87 1.85 -35.44 -9.10
CA LEU B 87 2.12 -35.61 -7.68
C LEU B 87 1.32 -36.80 -7.25
N THR B 88 1.92 -37.75 -6.52
CA THR B 88 1.17 -38.93 -6.03
C THR B 88 -0.04 -38.50 -5.27
N SER B 89 0.14 -37.46 -4.50
CA SER B 89 -0.82 -36.96 -3.53
C SER B 89 -0.52 -35.49 -3.29
N CYS B 90 -1.48 -34.67 -2.85
CA CYS B 90 -1.13 -33.30 -2.39
C CYS B 90 -2.12 -32.67 -1.43
N LEU B 91 -1.76 -31.51 -0.86
CA LEU B 91 -2.50 -30.91 0.26
C LEU B 91 -3.63 -30.09 -0.28
N VAL B 92 -4.74 -30.01 0.44
CA VAL B 92 -5.84 -29.20 -0.03
C VAL B 92 -6.29 -28.15 0.99
N ASP B 93 -6.28 -26.89 0.58
CA ASP B 93 -6.70 -25.82 1.45
C ASP B 93 -8.24 -25.59 1.44
N THR B 94 -8.86 -25.94 2.55
CA THR B 94 -10.31 -25.73 2.71
C THR B 94 -10.74 -24.27 2.72
N LYS B 95 -9.86 -23.36 3.13
CA LYS B 95 -10.19 -21.92 3.14
C LYS B 95 -9.96 -21.22 1.80
N ASN B 96 -9.46 -21.94 0.78
CA ASN B 96 -9.08 -21.37 -0.52
C ASN B 96 -8.18 -20.13 -0.54
N ASN B 97 -7.10 -20.17 0.20
CA ASN B 97 -6.12 -19.06 0.25
C ASN B 97 -4.73 -19.38 -0.28
N TRP B 98 -4.39 -20.66 -0.30
CA TRP B 98 -3.08 -21.09 -0.67
C TRP B 98 -3.14 -21.89 -1.94
N ALA B 99 -2.36 -21.44 -2.91
CA ALA B 99 -2.03 -22.24 -4.02
C ALA B 99 -0.51 -22.17 -3.93
N ILE B 100 0.10 -23.30 -3.52
CA ILE B 100 1.52 -23.37 -3.35
C ILE B 100 2.09 -24.57 -4.09
N ILE B 101 3.04 -24.28 -5.00
CA ILE B 101 3.96 -25.24 -5.62
C ILE B 101 5.19 -25.54 -4.71
N GLY B 102 5.24 -26.73 -4.14
CA GLY B 102 6.27 -27.06 -3.16
C GLY B 102 7.43 -27.87 -3.73
N ARG B 103 8.26 -28.42 -2.86
CA ARG B 103 9.46 -29.07 -3.36
C ARG B 103 9.24 -30.39 -4.05
N ASP B 104 8.17 -31.11 -3.70
CA ASP B 104 7.73 -32.29 -4.45
C ASP B 104 7.63 -31.95 -5.91
N ALA B 105 6.99 -30.81 -6.23
CA ALA B 105 6.79 -30.45 -7.64
C ALA B 105 8.04 -29.82 -8.26
N LEU B 106 8.76 -29.00 -7.47
CA LEU B 106 9.95 -28.34 -8.04
C LEU B 106 11.00 -29.39 -8.29
N GLN B 107 11.11 -30.39 -7.39
CA GLN B 107 12.00 -31.56 -7.71
C GLN B 107 11.77 -32.14 -9.13
N GLN B 108 10.48 -32.33 -9.48
CA GLN B 108 10.06 -32.80 -10.79
C GLN B 108 10.36 -31.86 -11.95
N CYS B 109 10.36 -30.55 -11.73
CA CYS B 109 10.72 -29.60 -12.78
C CYS B 109 12.19 -29.51 -12.86
N GLN B 110 12.83 -30.16 -11.90
CA GLN B 110 14.26 -30.01 -11.68
C GLN B 110 14.61 -28.58 -11.33
N GLY B 111 13.77 -27.94 -10.53
CA GLY B 111 13.96 -26.57 -10.08
C GLY B 111 15.13 -26.49 -9.14
N VAL B 112 15.76 -25.32 -9.12
CA VAL B 112 16.84 -25.05 -8.17
C VAL B 112 16.73 -23.67 -7.55
N LEU B 113 17.31 -23.57 -6.37
CA LEU B 113 17.42 -22.30 -5.71
C LEU B 113 18.88 -21.97 -5.88
N TYR B 114 19.20 -20.79 -6.37
CA TYR B 114 20.59 -20.51 -6.62
C TYR B 114 21.10 -19.28 -5.86
N LEU B 115 22.02 -19.47 -4.91
CA LEU B 115 22.66 -18.32 -4.18
C LEU B 115 24.07 -17.93 -4.72
N PRO B 116 24.17 -16.79 -5.40
CA PRO B 116 25.44 -16.34 -5.95
C PRO B 116 26.68 -16.62 -5.07
C ACE C 1 4.53 -35.08 10.46
O ACE C 1 4.63 -35.74 9.42
CH3 ACE C 1 5.35 -35.46 11.71
N ALA C 2 3.70 -34.05 10.59
CA ALA C 2 3.05 -33.39 9.48
C ALA C 2 4.06 -32.93 8.39
N PRO C 3 3.62 -32.87 7.11
CA PRO C 3 4.50 -32.05 6.29
C PRO C 3 4.47 -30.56 6.74
N GLN C 4 5.54 -29.81 6.48
CA GLN C 4 5.59 -28.37 6.79
C GLN C 4 5.31 -27.49 5.59
N VAL C 5 4.58 -26.41 5.81
CA VAL C 5 4.35 -25.44 4.77
C VAL C 5 4.54 -24.05 5.35
N STA C 6 5.56 -23.36 4.83
CA STA C 6 5.99 -22.13 5.41
CB STA C 6 7.32 -22.36 6.17
CG STA C 6 7.35 -22.94 7.60
CD1 STA C 6 7.62 -24.44 7.61
CD2 STA C 6 6.25 -22.54 8.62
CH STA C 6 6.12 -20.97 4.33
OH STA C 6 6.83 -21.42 3.18
CM STA C 6 4.81 -20.25 3.88
C STA C 6 4.47 -19.11 4.86
O STA C 6 3.87 -19.34 5.89
N VAL C 7 4.99 -17.91 4.62
CA VAL C 7 4.76 -16.78 5.56
C VAL C 7 4.49 -15.49 4.80
N MET C 8 3.33 -14.89 5.04
CA MET C 8 2.95 -13.66 4.34
C MET C 8 2.71 -12.48 5.28
N HIS C 9 2.95 -11.27 4.78
CA HIS C 9 2.61 -10.08 5.56
C HIS C 9 1.13 -9.69 5.61
N PRO C 10 0.79 -8.42 5.92
CA PRO C 10 -0.47 -8.22 6.67
C PRO C 10 -1.25 -9.53 7.03
N PRO D 1 16.89 28.61 -3.02
CA PRO D 1 17.61 28.80 -1.77
C PRO D 1 18.14 27.51 -1.09
N VAL D 2 19.34 27.65 -0.49
CA VAL D 2 20.08 26.71 0.36
C VAL D 2 19.83 27.06 1.85
N ILE D 3 18.89 26.36 2.51
CA ILE D 3 18.51 26.62 3.91
C ILE D 3 19.44 25.86 4.88
N PRO D 4 20.33 26.55 5.62
CA PRO D 4 21.21 25.81 6.58
C PRO D 4 20.35 25.29 7.68
N LEU D 5 20.72 24.17 8.26
CA LEU D 5 19.95 23.59 9.32
C LEU D 5 20.62 23.85 10.69
N ASP D 6 19.80 24.10 11.70
CA ASP D 6 20.26 24.61 13.00
C ASP D 6 19.22 24.31 14.14
N PRO D 7 19.64 23.66 15.23
CA PRO D 7 18.61 23.41 16.26
C PRO D 7 17.93 24.61 16.96
N ALA D 8 18.46 25.81 16.87
CA ALA D 8 17.86 26.92 17.66
C ALA D 8 16.94 27.75 16.79
N ARG D 9 17.05 27.54 15.48
CA ARG D 9 16.26 28.26 14.53
C ARG D 9 15.58 27.27 13.60
N ARG D 10 14.25 27.18 13.71
CA ARG D 10 13.45 26.37 12.81
C ARG D 10 13.56 26.96 11.41
N PRO D 11 13.67 26.08 10.40
CA PRO D 11 13.67 26.60 9.01
C PRO D 11 12.22 26.81 8.54
N VAL D 12 11.90 28.04 8.15
CA VAL D 12 10.51 28.49 7.92
C VAL D 12 10.43 29.20 6.60
N ILE D 13 9.28 29.15 5.96
CA ILE D 13 9.08 29.89 4.75
C ILE D 13 7.75 30.59 4.88
N LYS D 14 7.61 31.65 4.10
CA LYS D 14 6.30 32.28 4.05
C LYS D 14 5.64 31.79 2.80
N ALA D 15 4.41 31.30 2.95
CA ALA D 15 3.69 30.61 1.87
C ALA D 15 2.27 31.13 1.77
N GLN D 16 1.84 31.44 0.56
CA GLN D 16 0.45 31.76 0.39
C GLN D 16 -0.38 30.49 0.25
N VAL D 17 -1.36 30.31 1.12
CA VAL D 17 -2.17 29.10 1.08
C VAL D 17 -3.60 29.44 0.65
N ASP D 18 -4.06 28.74 -0.38
CA ASP D 18 -5.43 28.88 -0.89
C ASP D 18 -6.23 27.64 -0.49
N THR D 19 -7.13 27.73 0.48
CA THR D 19 -7.97 26.58 0.84
C THR D 19 -9.19 26.41 -0.09
N GLN D 20 -9.35 27.34 -1.03
CA GLN D 20 -10.52 27.45 -1.89
C GLN D 20 -11.86 27.49 -1.15
N THR D 21 -11.80 27.77 0.16
CA THR D 21 -13.01 28.05 0.94
C THR D 21 -12.95 29.47 1.46
N SER D 22 -11.98 30.26 1.01
CA SER D 22 -11.85 31.72 1.32
C SER D 22 -10.57 32.29 0.74
N HIS D 23 -10.34 33.60 0.94
CA HIS D 23 -9.26 34.37 0.31
C HIS D 23 -7.87 33.86 0.71
N PRO D 24 -6.99 33.65 -0.28
CA PRO D 24 -5.63 33.24 0.04
C PRO D 24 -5.03 34.00 1.23
N LYS D 25 -4.45 33.26 2.16
CA LYS D 25 -3.64 33.90 3.16
C LYS D 25 -2.19 33.42 3.14
N THR D 26 -1.24 34.36 3.30
CA THR D 26 0.16 34.07 3.49
C THR D 26 0.46 33.75 4.98
N ILE D 27 1.08 32.60 5.28
CA ILE D 27 1.36 32.14 6.65
C ILE D 27 2.81 31.78 6.73
N GLU D 28 3.36 31.64 7.94
CA GLU D 28 4.72 31.14 8.13
C GLU D 28 4.57 29.64 8.32
N ALA D 29 5.33 28.79 7.62
CA ALA D 29 5.16 27.34 7.83
C ALA D 29 6.49 26.70 8.00
N LEU D 30 6.56 25.73 8.90
CA LEU D 30 7.78 24.88 9.07
C LEU D 30 8.06 24.03 7.79
N LEU D 31 9.34 24.02 7.38
CA LEU D 31 9.86 23.25 6.29
C LEU D 31 10.34 21.94 6.89
N ASP D 32 9.62 20.84 6.61
CA ASP D 32 9.73 19.64 7.50
C ASP D 32 9.77 18.27 6.78
N THR D 33 10.95 17.72 6.63
CA THR D 33 11.13 16.52 5.89
C THR D 33 10.63 15.25 6.58
N GLY D 34 10.30 15.30 7.87
CA GLY D 34 9.69 14.16 8.52
C GLY D 34 8.16 14.22 8.49
N ALA D 35 7.62 15.01 7.60
CA ALA D 35 6.18 15.03 7.51
C ALA D 35 5.74 14.36 6.18
N ASP D 36 4.99 13.25 6.23
CA ASP D 36 4.35 12.67 5.00
C ASP D 36 3.43 13.66 4.21
N MET D 37 2.58 14.38 4.95
CA MET D 37 1.76 15.41 4.30
C MET D 37 1.70 16.73 5.01
N THR D 38 1.52 17.77 4.20
CA THR D 38 1.38 19.15 4.68
C THR D 38 0.23 19.35 5.67
N VAL D 39 0.41 20.30 6.59
CA VAL D 39 -0.56 20.64 7.68
C VAL D 39 -0.85 22.15 7.63
N ILE D 40 -2.11 22.54 7.57
CA ILE D 40 -2.45 23.96 7.69
C ILE D 40 -3.49 24.15 8.79
N PRO D 41 -3.43 25.32 9.42
CA PRO D 41 -4.31 25.60 10.60
C PRO D 41 -5.82 25.78 10.24
N ILE D 42 -6.74 25.23 11.05
CA ILE D 42 -8.15 25.33 10.72
C ILE D 42 -8.59 26.75 10.46
N ALA D 43 -7.93 27.72 11.10
CA ALA D 43 -8.35 29.11 10.96
C ALA D 43 -8.24 29.68 9.59
N LEU D 44 -7.78 28.93 8.59
CA LEU D 44 -7.71 29.44 7.22
C LEU D 44 -8.96 29.11 6.40
N PHE D 45 -9.93 28.41 6.99
CA PHE D 45 -11.15 28.01 6.24
C PHE D 45 -12.28 28.77 6.88
N SER D 46 -13.35 29.11 6.15
CA SER D 46 -14.48 29.83 6.79
C SER D 46 -15.25 28.88 7.67
N SER D 47 -16.09 29.42 8.55
CA SER D 47 -16.69 28.63 9.66
C SER D 47 -17.77 27.64 9.23
N ASN D 48 -18.18 27.77 7.96
CA ASN D 48 -19.02 26.78 7.32
C ASN D 48 -18.30 25.44 7.19
N THR D 49 -17.02 25.46 6.78
CA THR D 49 -16.39 24.34 6.03
C THR D 49 -16.52 22.96 6.64
N PRO D 50 -17.06 21.98 5.87
CA PRO D 50 -17.11 20.58 6.38
C PRO D 50 -15.77 19.87 6.10
N LEU D 51 -15.27 19.06 7.03
CA LEU D 51 -13.93 18.45 6.88
C LEU D 51 -13.98 16.96 7.18
N LYS D 52 -13.15 16.16 6.51
CA LYS D 52 -13.15 14.70 6.73
C LYS D 52 -12.37 14.25 7.98
N ASN D 53 -12.92 13.26 8.67
CA ASN D 53 -12.21 12.54 9.73
C ASN D 53 -10.97 11.79 9.26
N THR D 54 -10.02 11.65 10.18
CA THR D 54 -8.68 11.16 9.91
C THR D 54 -7.87 10.96 11.18
N SER D 55 -6.86 10.10 11.09
CA SER D 55 -5.91 9.86 12.18
C SER D 55 -4.45 10.26 11.83
N VAL D 56 -3.68 10.70 12.82
CA VAL D 56 -2.26 10.92 12.58
C VAL D 56 -1.41 10.32 13.69
N LEU D 57 -0.26 9.70 13.32
CA LEU D 57 0.82 9.35 14.30
C LEU D 57 1.89 10.47 14.32
N GLY D 58 2.27 10.90 15.53
CA GLY D 58 3.44 11.76 15.74
C GLY D 58 3.91 11.66 17.19
N ALA D 59 5.23 11.40 17.39
CA ALA D 59 5.97 11.54 18.71
C ALA D 59 5.17 11.41 20.07
N GLY D 60 4.14 12.24 20.28
CA GLY D 60 3.10 11.95 21.29
C GLY D 60 2.41 10.55 21.18
N GLY D 61 2.49 9.89 20.01
CA GLY D 61 1.60 8.74 19.70
C GLY D 61 0.38 9.20 18.88
N GLN D 62 -0.57 8.28 18.68
CA GLN D 62 -1.59 8.38 17.62
C GLN D 62 -2.86 9.19 17.93
N THR D 63 -2.90 10.44 17.47
CA THR D 63 -4.09 11.34 17.65
C THR D 63 -5.29 11.12 16.66
N GLN D 64 -6.51 11.05 17.20
CA GLN D 64 -7.71 10.64 16.40
C GLN D 64 -8.68 11.81 16.04
N ASP D 65 -8.56 12.92 16.80
CA ASP D 65 -9.52 14.04 16.73
C ASP D 65 -8.95 15.44 16.54
N HIS D 66 -7.62 15.60 16.74
CA HIS D 66 -6.89 16.86 16.46
C HIS D 66 -6.78 17.33 15.00
N PHE D 67 -6.71 16.39 14.06
CA PHE D 67 -6.56 16.71 12.64
C PHE D 67 -7.80 16.27 11.92
N LYS D 68 -8.05 16.91 10.79
CA LYS D 68 -9.08 16.51 9.87
C LYS D 68 -8.45 16.53 8.49
N LEU D 69 -9.19 16.12 7.46
CA LEU D 69 -8.66 16.22 6.09
C LEU D 69 -9.51 17.17 5.31
N THR D 70 -8.95 17.74 4.26
CA THR D 70 -9.73 18.54 3.32
C THR D 70 -10.31 17.62 2.27
N SER D 71 -11.37 18.08 1.65
CA SER D 71 -11.97 17.30 0.64
C SER D 71 -11.67 17.98 -0.68
N LEU D 72 -11.36 19.29 -0.70
CA LEU D 72 -10.91 19.95 -1.93
C LEU D 72 -9.41 20.03 -1.98
N PRO D 73 -8.84 20.18 -3.18
CA PRO D 73 -7.41 20.47 -3.17
C PRO D 73 -7.03 21.83 -2.53
N VAL D 74 -5.73 21.98 -2.24
CA VAL D 74 -5.16 23.13 -1.52
C VAL D 74 -4.01 23.64 -2.33
N LEU D 75 -4.04 24.93 -2.70
CA LEU D 75 -2.92 25.45 -3.52
C LEU D 75 -1.96 26.24 -2.67
N ILE D 76 -0.68 26.10 -2.94
CA ILE D 76 0.28 26.79 -2.15
C ILE D 76 1.23 27.51 -3.10
N ARG D 77 1.43 28.80 -2.87
CA ARG D 77 2.40 29.51 -3.63
C ARG D 77 3.55 29.93 -2.75
N LEU D 78 4.75 29.70 -3.25
CA LEU D 78 5.94 29.93 -2.47
C LEU D 78 6.63 31.22 -2.89
N PRO D 79 7.49 31.76 -2.04
CA PRO D 79 7.91 33.10 -2.45
C PRO D 79 8.55 33.17 -3.84
N PHE D 80 8.00 34.03 -4.69
CA PHE D 80 8.51 34.34 -6.05
C PHE D 80 8.09 33.33 -7.13
N ARG D 81 6.95 32.67 -6.94
CA ARG D 81 6.37 31.78 -7.99
C ARG D 81 4.84 31.96 -8.11
N THR D 82 4.34 32.00 -9.35
CA THR D 82 2.87 32.01 -9.59
C THR D 82 2.40 30.58 -9.59
N THR D 83 3.23 29.68 -10.18
CA THR D 83 2.91 28.26 -10.30
C THR D 83 2.60 27.67 -8.93
N PRO D 84 1.35 27.25 -8.71
CA PRO D 84 1.06 26.71 -7.40
C PRO D 84 1.53 25.25 -7.27
N ILE D 85 2.00 24.89 -6.09
CA ILE D 85 1.97 23.52 -5.66
C ILE D 85 0.49 23.12 -5.54
N VAL D 86 0.06 21.97 -6.08
CA VAL D 86 -1.34 21.57 -5.87
C VAL D 86 -1.35 20.31 -5.07
N LEU D 87 -2.00 20.30 -3.89
CA LEU D 87 -2.10 19.12 -3.01
C LEU D 87 -3.50 18.57 -3.02
N THR D 88 -3.69 17.28 -3.31
CA THR D 88 -5.01 16.77 -3.57
C THR D 88 -5.77 16.90 -2.28
N SER D 89 -5.01 16.73 -1.20
CA SER D 89 -5.55 16.78 0.16
C SER D 89 -4.45 17.18 1.12
N CYS D 90 -4.84 17.78 2.24
CA CYS D 90 -3.88 17.91 3.29
C CYS D 90 -4.49 17.98 4.63
N LEU D 91 -3.68 17.78 5.66
CA LEU D 91 -4.24 17.72 6.98
C LEU D 91 -4.55 19.13 7.50
N VAL D 92 -5.53 19.19 8.39
CA VAL D 92 -5.94 20.40 9.00
C VAL D 92 -5.83 20.30 10.52
N ASP D 93 -5.18 21.32 11.11
CA ASP D 93 -4.94 21.39 12.55
C ASP D 93 -6.08 22.17 13.24
N THR D 94 -6.94 21.43 13.92
CA THR D 94 -8.14 22.01 14.60
C THR D 94 -7.79 22.83 15.87
N LYS D 95 -6.63 22.54 16.49
CA LYS D 95 -6.08 23.36 17.60
C LYS D 95 -5.37 24.62 17.11
N ASN D 96 -5.22 24.77 15.78
CA ASN D 96 -4.53 25.93 15.13
C ASN D 96 -3.13 26.24 15.57
N ASN D 97 -2.40 25.23 16.03
CA ASN D 97 -0.97 25.36 16.37
C ASN D 97 0.01 25.40 15.19
N TRP D 98 -0.35 24.79 14.08
CA TRP D 98 0.65 24.19 13.19
C TRP D 98 0.53 24.55 11.73
N ALA D 99 1.64 24.94 11.17
CA ALA D 99 1.75 25.12 9.75
C ALA D 99 3.07 24.47 9.34
N ILE D 100 2.91 23.32 8.69
CA ILE D 100 4.01 22.47 8.27
C ILE D 100 3.80 22.19 6.78
N ILE D 101 4.82 22.53 5.99
CA ILE D 101 5.00 22.15 4.62
C ILE D 101 5.77 20.82 4.58
N GLY D 102 5.10 19.70 4.25
CA GLY D 102 5.72 18.40 4.21
C GLY D 102 6.16 17.94 2.84
N ARG D 103 6.45 16.64 2.72
CA ARG D 103 7.07 16.12 1.50
C ARG D 103 6.13 16.12 0.26
N ASP D 104 4.81 15.99 0.46
CA ASP D 104 3.86 16.26 -0.68
C ASP D 104 4.19 17.58 -1.38
N ALA D 105 4.40 18.65 -0.60
CA ALA D 105 4.72 19.95 -1.19
C ALA D 105 6.15 20.03 -1.66
N LEU D 106 7.05 19.55 -0.81
CA LEU D 106 8.48 19.61 -1.13
C LEU D 106 8.84 18.90 -2.45
N GLN D 107 8.23 17.71 -2.69
CA GLN D 107 8.35 16.96 -3.98
C GLN D 107 8.00 17.85 -5.13
N GLN D 108 6.85 18.54 -5.04
CA GLN D 108 6.39 19.34 -6.18
C GLN D 108 7.31 20.52 -6.42
N CYS D 109 7.98 21.00 -5.38
CA CYS D 109 8.85 22.13 -5.65
C CYS D 109 10.33 21.67 -5.89
N GLN D 110 10.55 20.36 -5.84
CA GLN D 110 11.84 19.73 -6.11
C GLN D 110 12.89 19.89 -5.06
N GLY D 111 12.48 20.04 -3.81
CA GLY D 111 13.39 20.06 -2.71
C GLY D 111 14.21 18.82 -2.52
N VAL D 112 15.42 19.03 -2.03
CA VAL D 112 16.26 17.91 -1.63
C VAL D 112 16.94 18.29 -0.33
N LEU D 113 17.52 17.27 0.25
CA LEU D 113 18.27 17.38 1.46
C LEU D 113 19.66 16.96 1.03
N TYR D 114 20.65 17.71 1.45
CA TYR D 114 22.00 17.39 1.07
C TYR D 114 22.92 17.25 2.32
N LEU D 115 23.53 16.07 2.46
CA LEU D 115 24.50 15.76 3.50
C LEU D 115 25.92 15.57 2.92
N PRO D 116 26.83 16.51 3.18
CA PRO D 116 28.21 16.42 2.62
C PRO D 116 29.12 15.18 2.95
N PRO E 1 25.26 12.64 0.57
CA PRO E 1 24.32 12.37 -0.51
C PRO E 1 23.14 13.36 -0.69
N VAL E 2 22.67 13.47 -1.92
CA VAL E 2 21.47 14.21 -2.24
C VAL E 2 20.34 13.22 -1.94
N ILE E 3 19.44 13.55 -1.01
CA ILE E 3 18.29 12.69 -0.66
C ILE E 3 17.04 13.38 -1.16
N PRO E 4 16.42 12.84 -2.24
CA PRO E 4 15.17 13.37 -2.81
C PRO E 4 14.04 13.34 -1.77
N LEU E 5 13.01 14.15 -1.98
CA LEU E 5 11.89 14.24 -1.04
C LEU E 5 10.61 13.80 -1.79
N ASP E 6 9.96 12.77 -1.22
CA ASP E 6 8.80 12.11 -1.80
C ASP E 6 7.83 11.77 -0.64
N PRO E 7 6.53 12.10 -0.79
CA PRO E 7 5.54 11.79 0.29
C PRO E 7 5.41 10.31 0.54
N ALA E 8 5.72 9.51 -0.48
CA ALA E 8 5.51 8.04 -0.39
C ALA E 8 6.68 7.24 0.19
N ARG E 9 7.90 7.78 0.23
CA ARG E 9 9.04 7.05 0.81
C ARG E 9 9.82 8.04 1.65
N ARG E 10 9.99 7.68 2.91
CA ARG E 10 10.66 8.50 3.92
C ARG E 10 12.16 8.68 3.66
N PRO E 11 12.74 9.87 3.95
CA PRO E 11 14.17 9.91 3.79
C PRO E 11 14.86 9.23 4.99
N VAL E 12 15.41 8.06 4.79
CA VAL E 12 16.00 7.29 5.89
C VAL E 12 17.48 7.02 5.64
N ILE E 13 18.25 6.78 6.70
CA ILE E 13 19.68 6.40 6.52
C ILE E 13 20.00 5.51 7.66
N LYS E 14 20.80 4.48 7.37
CA LYS E 14 21.39 3.63 8.37
C LYS E 14 22.38 4.42 9.21
N ALA E 15 22.24 4.38 10.53
CA ALA E 15 23.17 5.12 11.39
C ALA E 15 23.71 4.15 12.42
N GLN E 16 24.96 4.32 12.82
CA GLN E 16 25.48 3.63 13.97
C GLN E 16 25.36 4.56 15.17
N VAL E 17 24.60 4.17 16.18
CA VAL E 17 24.45 4.94 17.42
C VAL E 17 25.19 4.29 18.60
N ASP E 18 25.99 5.11 19.30
CA ASP E 18 26.68 4.69 20.50
C ASP E 18 26.08 5.40 21.69
N THR E 19 25.27 4.74 22.49
CA THR E 19 24.77 5.41 23.69
C THR E 19 25.73 5.40 24.94
N GLN E 20 26.94 4.84 24.77
CA GLN E 20 27.90 4.78 25.86
C GLN E 20 27.41 3.93 27.02
N THR E 21 26.36 3.14 26.81
CA THR E 21 25.93 2.17 27.83
C THR E 21 25.94 0.66 27.41
N SER E 22 26.38 0.38 26.19
CA SER E 22 26.38 -0.97 25.66
C SER E 22 26.92 -0.78 24.28
N HIS E 23 27.41 -1.85 23.67
CA HIS E 23 28.09 -1.71 22.40
C HIS E 23 27.13 -0.91 21.47
N PRO E 24 27.73 -0.26 20.43
CA PRO E 24 26.98 0.58 19.49
C PRO E 24 26.21 -0.24 18.44
N LYS E 25 25.08 0.31 18.02
CA LYS E 25 24.15 -0.41 17.20
C LYS E 25 23.77 0.30 15.94
N THR E 26 23.42 -0.44 14.92
CA THR E 26 22.90 0.11 13.67
C THR E 26 21.38 0.25 13.66
N ILE E 27 20.86 1.37 13.21
CA ILE E 27 19.42 1.55 13.24
C ILE E 27 19.12 2.29 11.95
N GLU E 28 17.84 2.40 11.61
CA GLU E 28 17.40 3.13 10.40
C GLU E 28 16.78 4.34 10.98
N ALA E 29 17.17 5.51 10.47
CA ALA E 29 16.65 6.78 11.03
C ALA E 29 15.98 7.73 10.00
N LEU E 30 14.91 8.37 10.44
CA LEU E 30 14.21 9.42 9.67
C LEU E 30 14.96 10.76 9.72
N LEU E 31 15.36 11.27 8.56
CA LEU E 31 16.00 12.59 8.44
C LEU E 31 14.94 13.69 8.39
N ASP E 32 14.88 14.47 9.46
CA ASP E 32 13.71 15.29 9.82
C ASP E 32 14.05 16.75 10.20
N THR E 33 14.11 17.62 9.20
CA THR E 33 14.41 19.01 9.47
C THR E 33 13.37 19.72 10.34
N GLY E 34 12.31 19.03 10.69
CA GLY E 34 11.31 19.62 11.54
C GLY E 34 11.53 19.22 12.96
N ALA E 35 12.63 18.56 13.25
CA ALA E 35 12.85 18.13 14.62
C ALA E 35 13.97 19.01 15.18
N ASP E 36 13.73 19.65 16.32
CA ASP E 36 14.76 20.41 17.03
C ASP E 36 15.82 19.47 17.50
N MET E 37 15.42 18.41 18.17
CA MET E 37 16.41 17.49 18.75
C MET E 37 16.31 16.07 18.13
N THR E 38 17.40 15.30 18.28
CA THR E 38 17.46 13.96 17.83
C THR E 38 16.79 13.02 18.83
N VAL E 39 16.13 11.98 18.27
CA VAL E 39 15.33 11.04 19.08
C VAL E 39 15.91 9.62 18.88
N ILE E 40 16.06 8.86 19.95
CA ILE E 40 16.50 7.51 19.67
C ILE E 40 15.58 6.58 20.46
N PRO E 41 15.42 5.32 19.99
CA PRO E 41 14.54 4.41 20.67
C PRO E 41 15.21 3.88 21.92
N ILE E 42 14.45 3.75 23.00
CA ILE E 42 14.94 3.10 24.21
C ILE E 42 15.57 1.69 24.02
N ALA E 43 15.14 0.96 22.96
CA ALA E 43 15.73 -0.36 22.69
C ALA E 43 17.27 -0.39 22.52
N LEU E 44 17.91 0.77 22.52
CA LEU E 44 19.33 0.72 22.34
C LEU E 44 20.05 0.55 23.68
N PHE E 45 19.42 1.08 24.73
CA PHE E 45 20.01 1.10 26.06
C PHE E 45 19.82 -0.22 26.77
N SER E 46 20.28 -0.25 28.02
CA SER E 46 20.14 -1.41 28.90
C SER E 46 19.17 -1.07 30.04
N SER E 47 18.77 -2.09 30.79
CA SER E 47 17.64 -1.96 31.72
C SER E 47 17.60 -0.83 32.82
N ASN E 48 18.68 -0.63 33.60
CA ASN E 48 18.60 0.37 34.71
C ASN E 48 19.24 1.74 34.38
N THR E 49 19.00 2.20 33.15
CA THR E 49 19.61 3.42 32.69
C THR E 49 18.91 4.60 33.34
N PRO E 50 19.67 5.36 34.19
CA PRO E 50 19.14 6.69 34.61
C PRO E 50 18.98 7.54 33.35
N LEU E 51 17.83 8.25 33.27
CA LEU E 51 17.39 9.10 32.14
C LEU E 51 16.48 10.25 32.68
N LYS E 52 16.85 11.52 32.49
CA LYS E 52 15.98 12.65 32.91
C LYS E 52 14.71 12.66 32.06
N ASN E 53 13.54 12.80 32.69
CA ASN E 53 12.32 13.00 31.92
C ASN E 53 12.38 14.43 31.41
N THR E 54 11.43 14.76 30.51
CA THR E 54 11.24 16.11 29.89
C THR E 54 9.96 16.15 29.01
N SER E 55 9.65 17.36 28.53
CA SER E 55 8.46 17.56 27.69
C SER E 55 8.80 17.77 26.21
N VAL E 56 7.98 17.18 25.33
CA VAL E 56 8.07 17.36 23.88
C VAL E 56 6.70 17.63 23.28
N LEU E 57 6.60 18.74 22.54
CA LEU E 57 5.41 19.07 21.73
C LEU E 57 5.42 18.35 20.30
N GLY E 58 4.32 17.63 19.97
CA GLY E 58 4.16 16.90 18.69
C GLY E 58 2.94 17.23 17.76
N ALA E 59 2.33 16.16 17.21
CA ALA E 59 1.07 16.17 16.40
C ALA E 59 -0.18 16.69 17.17
N GLY E 60 -0.72 15.80 18.04
CA GLY E 60 -1.74 16.16 19.07
C GLY E 60 -1.27 17.05 20.25
N GLY E 61 -0.17 17.81 20.05
CA GLY E 61 0.37 18.73 21.05
C GLY E 61 1.15 18.08 22.20
N GLN E 62 0.85 18.55 23.42
CA GLN E 62 1.72 18.31 24.58
C GLN E 62 1.81 16.85 25.05
N THR E 63 3.06 16.38 25.20
CA THR E 63 3.40 15.05 25.74
C THR E 63 4.56 15.18 26.71
N GLN E 64 4.27 15.12 28.00
CA GLN E 64 5.39 15.22 28.98
C GLN E 64 5.90 13.85 29.45
N ASP E 65 5.56 12.77 28.71
CA ASP E 65 5.56 11.41 29.29
C ASP E 65 5.97 10.26 28.36
N HIS E 66 6.25 10.55 27.09
CA HIS E 66 6.74 9.49 26.15
C HIS E 66 8.26 9.49 26.06
N PHE E 67 8.86 10.62 26.41
CA PHE E 67 10.26 10.82 26.05
C PHE E 67 11.16 11.01 27.24
N LYS E 68 12.38 10.49 27.14
CA LYS E 68 13.40 10.87 28.14
C LYS E 68 14.55 11.58 27.47
N LEU E 69 15.36 12.24 28.30
CA LEU E 69 16.60 12.86 27.90
C LEU E 69 17.73 12.04 28.47
N THR E 70 18.69 11.60 27.64
CA THR E 70 19.98 11.03 28.09
C THR E 70 20.78 12.09 28.88
N SER E 71 21.68 11.61 29.74
CA SER E 71 22.58 12.47 30.55
C SER E 71 24.04 12.41 30.05
N LEU E 72 24.35 11.34 29.34
CA LEU E 72 25.60 11.21 28.63
C LEU E 72 25.45 11.63 27.14
N PRO E 73 26.50 12.22 26.57
CA PRO E 73 26.44 12.39 25.13
C PRO E 73 26.10 11.05 24.41
N VAL E 74 25.86 11.10 23.09
CA VAL E 74 25.48 9.97 22.27
C VAL E 74 26.29 10.19 21.01
N LEU E 75 26.99 9.20 20.50
CA LEU E 75 27.75 9.39 19.25
C LEU E 75 27.10 8.67 18.07
N ILE E 76 27.05 9.31 16.92
CA ILE E 76 26.31 8.79 15.81
C ILE E 76 27.23 8.82 14.64
N ARG E 77 27.34 7.70 13.91
CA ARG E 77 28.22 7.65 12.73
C ARG E 77 27.38 7.29 11.50
N LEU E 78 27.52 8.08 10.45
CA LEU E 78 26.67 7.94 9.29
C LEU E 78 27.42 7.16 8.25
N PRO E 79 26.69 6.50 7.34
CA PRO E 79 27.17 5.40 6.50
C PRO E 79 28.61 5.41 5.97
N PHE E 80 29.21 6.55 5.69
CA PHE E 80 30.60 6.44 5.34
C PHE E 80 31.56 7.29 6.21
N ARG E 81 31.31 8.61 6.26
CA ARG E 81 31.92 9.51 7.24
C ARG E 81 32.49 8.77 8.46
N THR E 82 33.79 8.95 8.69
CA THR E 82 34.57 8.19 9.67
C THR E 82 34.46 8.78 11.11
N THR E 83 34.51 10.12 11.17
CA THR E 83 34.28 10.94 12.38
C THR E 83 32.76 11.00 12.85
N PRO E 84 32.50 10.82 14.16
CA PRO E 84 31.10 10.85 14.53
C PRO E 84 30.57 12.25 14.76
N ILE E 85 29.25 12.37 14.71
CA ILE E 85 28.48 13.45 15.29
C ILE E 85 28.47 13.15 16.76
N VAL E 86 28.45 14.18 17.61
CA VAL E 86 28.37 13.95 19.04
C VAL E 86 27.34 14.95 19.56
N LEU E 87 26.25 14.48 20.14
CA LEU E 87 25.25 15.38 20.69
C LEU E 87 25.38 15.36 22.19
N THR E 88 25.44 16.52 22.82
CA THR E 88 25.48 16.60 24.30
C THR E 88 24.40 15.71 24.98
N SER E 89 23.25 15.66 24.35
CA SER E 89 22.18 14.82 24.84
C SER E 89 21.14 14.71 23.76
N CYS E 90 20.31 13.69 23.86
CA CYS E 90 19.20 13.62 22.94
C CYS E 90 18.03 12.92 23.53
N LEU E 91 16.90 13.10 22.88
CA LEU E 91 15.60 12.54 23.30
C LEU E 91 15.55 11.02 23.20
N VAL E 92 14.80 10.38 24.08
CA VAL E 92 14.74 8.90 24.00
C VAL E 92 13.29 8.44 23.94
N ASP E 93 12.90 7.82 22.83
CA ASP E 93 11.51 7.41 22.70
C ASP E 93 11.29 6.18 23.55
N THR E 94 10.67 6.35 24.72
CA THR E 94 10.49 5.24 25.65
C THR E 94 9.32 4.37 25.20
N LYS E 95 8.45 4.93 24.35
CA LYS E 95 7.40 4.14 23.75
C LYS E 95 7.88 3.42 22.47
N ASN E 96 9.04 3.83 21.93
CA ASN E 96 9.90 2.97 21.05
C ASN E 96 9.57 3.00 19.58
N ASN E 97 8.76 3.97 19.18
CA ASN E 97 8.34 4.06 17.76
C ASN E 97 9.39 4.73 16.85
N TRP E 98 10.37 5.41 17.47
CA TRP E 98 11.08 6.46 16.78
C TRP E 98 12.62 6.45 16.80
N ALA E 99 13.18 6.67 15.60
CA ALA E 99 14.56 6.92 15.37
C ALA E 99 14.54 8.10 14.38
N ILE E 100 15.06 9.23 14.82
CA ILE E 100 14.93 10.45 14.10
C ILE E 100 16.19 11.23 14.33
N ILE E 101 16.82 11.61 13.25
CA ILE E 101 17.95 12.48 13.25
C ILE E 101 17.41 13.95 12.99
N GLY E 102 17.47 14.83 14.01
CA GLY E 102 16.99 16.22 13.87
C GLY E 102 18.08 17.23 13.54
N ARG E 103 17.79 18.51 13.76
CA ARG E 103 18.74 19.63 13.37
C ARG E 103 20.04 19.79 14.18
N ASP E 104 20.05 19.30 15.41
CA ASP E 104 21.27 19.14 16.25
C ASP E 104 22.32 18.29 15.54
N ALA E 105 21.87 17.15 14.97
CA ALA E 105 22.70 16.22 14.20
C ALA E 105 23.00 16.74 12.82
N LEU E 106 21.95 17.10 12.11
CA LEU E 106 22.14 17.63 10.78
C LEU E 106 23.10 18.85 10.71
N GLN E 107 23.02 19.76 11.70
CA GLN E 107 23.99 20.89 11.77
C GLN E 107 25.47 20.43 11.90
N GLN E 108 25.74 19.46 12.81
CA GLN E 108 27.11 18.91 12.90
C GLN E 108 27.65 18.41 11.61
N CYS E 109 26.80 17.86 10.75
CA CYS E 109 27.28 17.33 9.49
C CYS E 109 27.04 18.24 8.32
N GLN E 110 26.52 19.44 8.61
CA GLN E 110 26.32 20.47 7.57
C GLN E 110 25.29 20.05 6.53
N GLY E 111 24.23 19.41 7.00
CA GLY E 111 23.12 19.15 6.13
C GLY E 111 22.48 20.46 5.75
N VAL E 112 22.08 20.59 4.48
CA VAL E 112 21.20 21.67 4.12
C VAL E 112 20.00 21.04 3.52
N LEU E 113 18.91 21.79 3.56
CA LEU E 113 17.71 21.58 2.77
C LEU E 113 17.94 22.53 1.56
N TYR E 114 17.66 22.10 0.36
CA TYR E 114 17.85 22.97 -0.77
C TYR E 114 16.56 22.95 -1.59
N LEU E 115 15.92 24.12 -1.72
CA LEU E 115 14.70 24.31 -2.52
C LEU E 115 15.09 24.97 -3.82
N PRO E 116 15.00 24.20 -4.93
CA PRO E 116 15.45 24.63 -6.21
C PRO E 116 14.78 25.92 -6.54
N PRO F 3 10.55 21.02 23.66
N PRO F 3 -1.33 9.24 8.40
CA PRO F 3 11.01 20.96 22.26
CA PRO F 3 -0.08 9.86 7.94
C PRO F 3 9.95 20.31 21.34
C PRO F 3 0.73 10.38 9.13
N GLN F 4 9.94 20.71 20.07
N GLN F 4 2.06 10.39 9.01
CA GLN F 4 9.00 20.14 19.09
CA GLN F 4 2.92 10.86 10.11
C GLN F 4 9.58 18.95 18.33
C GLN F 4 3.28 12.31 9.98
N VAL F 5 8.73 17.96 18.05
N VAL F 5 3.36 13.02 11.11
CA VAL F 5 9.13 16.84 17.19
CA VAL F 5 3.87 14.40 11.10
C VAL F 5 8.03 16.45 16.21
C VAL F 5 4.87 14.66 12.24
N STA F 6 8.29 16.68 14.93
N STA F 6 6.12 14.92 11.87
CA STA F 6 7.20 16.69 13.94
CA STA F 6 7.19 14.87 12.87
CB STA F 6 6.89 18.14 13.50
CB STA F 6 8.04 13.60 12.71
CG STA F 6 5.99 19.10 14.29
CG STA F 6 7.68 12.19 13.22
CD1 STA F 6 6.78 19.98 15.21
CD1 STA F 6 6.89 11.38 12.20
CD2 STA F 6 4.79 18.52 15.03
CD2 STA F 6 7.04 12.10 14.60
CH STA F 6 7.57 15.80 12.71
CH STA F 6 8.09 16.19 12.79
OH STA F 6 8.92 16.08 12.29
OH STA F 6 8.43 16.50 11.43
CM STA F 6 7.44 14.26 12.93
CM STA F 6 7.51 17.49 13.44
C STA F 6 6.00 13.81 12.67
C STA F 6 7.82 17.51 14.94
O STA F 6 5.18 13.86 13.58
O STA F 6 7.05 16.96 15.72
N VAL F 7 5.71 13.49 11.41
N VAL F 7 9.02 18.01 15.29
CA VAL F 7 4.32 13.14 11.00
CA VAL F 7 9.45 17.99 16.70
C VAL F 7 4.25 11.93 10.03
C VAL F 7 10.05 19.32 17.17
N MET F 8 3.52 10.91 10.44
N MET F 8 9.45 19.93 18.19
CA MET F 8 3.47 9.68 9.65
CA MET F 8 9.90 21.24 18.64
C MET F 8 2.06 9.26 9.26
C MET F 8 10.32 21.30 20.11
N HIS F 9 1.94 8.61 8.10
N HIS F 9 11.27 22.18 20.43
CA HIS F 9 0.62 8.13 7.63
CA HIS F 9 11.75 22.32 21.82
C HIS F 9 0.08 6.89 8.38
C HIS F 9 10.76 23.06 22.76
N PRO F 10 -0.83 6.11 7.77
N PRO F 10 11.26 23.65 23.87
CA PRO F 10 -1.76 5.40 8.62
CA PRO F 10 10.39 23.73 25.03
C PRO F 10 -1.54 5.66 10.12
C PRO F 10 8.98 23.14 24.77
N PRO G 1 -10.55 -0.73 -31.86
CA PRO G 1 -11.58 0.19 -32.31
C PRO G 1 -11.56 1.41 -31.44
N VAL G 2 -11.72 2.56 -32.08
CA VAL G 2 -11.92 3.83 -31.38
C VAL G 2 -13.37 3.76 -30.86
N ILE G 3 -13.59 3.97 -29.56
CA ILE G 3 -14.96 3.92 -29.01
C ILE G 3 -15.40 5.34 -28.58
N PRO G 4 -16.36 5.95 -29.32
CA PRO G 4 -16.67 7.39 -29.12
C PRO G 4 -17.61 7.54 -27.90
N LEU G 5 -17.39 8.51 -27.05
CA LEU G 5 -18.16 8.53 -25.83
C LEU G 5 -19.33 9.50 -25.85
N ASP G 6 -20.40 9.07 -25.19
CA ASP G 6 -21.74 9.58 -25.37
C ASP G 6 -22.58 9.42 -24.10
N PRO G 7 -23.17 10.49 -23.60
CA PRO G 7 -23.98 10.23 -22.41
C PRO G 7 -25.13 9.26 -22.70
N ALA G 8 -25.83 9.42 -23.82
CA ALA G 8 -27.05 8.60 -24.03
C ALA G 8 -26.75 7.16 -24.53
N ARG G 9 -25.53 6.88 -24.94
CA ARG G 9 -25.18 5.53 -25.33
C ARG G 9 -24.05 4.97 -24.48
N ARG G 10 -24.35 4.04 -23.58
CA ARG G 10 -23.31 3.40 -22.76
C ARG G 10 -22.32 2.57 -23.58
N PRO G 11 -20.99 2.76 -23.41
CA PRO G 11 -20.04 1.97 -24.25
C PRO G 11 -20.00 0.45 -23.86
N VAL G 12 -20.80 -0.38 -24.50
CA VAL G 12 -20.88 -1.79 -24.11
C VAL G 12 -20.04 -2.65 -25.03
N ILE G 13 -19.72 -3.88 -24.62
CA ILE G 13 -19.00 -4.79 -25.50
C ILE G 13 -19.41 -6.24 -25.17
N LYS G 14 -19.30 -7.12 -26.16
CA LYS G 14 -19.63 -8.53 -25.96
C LYS G 14 -18.41 -9.37 -25.58
N ALA G 15 -18.46 -9.96 -24.43
CA ALA G 15 -17.32 -10.79 -23.98
C ALA G 15 -17.69 -12.21 -23.57
N GLN G 16 -16.74 -13.12 -23.73
CA GLN G 16 -16.85 -14.44 -23.11
C GLN G 16 -16.00 -14.60 -21.81
N VAL G 17 -16.72 -14.87 -20.74
CA VAL G 17 -16.20 -14.98 -19.43
C VAL G 17 -16.28 -16.44 -19.02
N ASP G 18 -15.17 -16.95 -18.47
CA ASP G 18 -14.94 -18.31 -17.98
C ASP G 18 -14.71 -18.21 -16.46
N THR G 19 -15.69 -18.62 -15.66
CA THR G 19 -15.50 -18.55 -14.22
C THR G 19 -14.75 -19.78 -13.75
N GLN G 20 -14.24 -20.61 -14.67
CA GLN G 20 -13.81 -21.96 -14.36
C GLN G 20 -14.62 -22.69 -13.27
N THR G 21 -15.92 -22.41 -13.13
CA THR G 21 -16.76 -23.24 -12.23
C THR G 21 -18.05 -23.72 -12.92
N SER G 22 -18.02 -23.72 -14.26
CA SER G 22 -19.22 -23.58 -15.11
C SER G 22 -18.74 -23.24 -16.50
N HIS G 23 -19.60 -23.43 -17.51
CA HIS G 23 -19.14 -23.25 -18.92
C HIS G 23 -18.91 -21.75 -19.28
N PRO G 24 -18.04 -21.48 -20.28
CA PRO G 24 -17.89 -20.09 -20.71
C PRO G 24 -19.24 -19.63 -21.28
N LYS G 25 -19.60 -18.37 -20.97
CA LYS G 25 -20.81 -17.77 -21.45
C LYS G 25 -20.47 -16.35 -21.92
N THR G 26 -20.97 -15.97 -23.10
CA THR G 26 -20.87 -14.57 -23.53
C THR G 26 -21.90 -13.60 -22.87
N ILE G 27 -21.42 -12.49 -22.26
CA ILE G 27 -22.31 -11.47 -21.72
C ILE G 27 -22.06 -10.15 -22.36
N GLU G 28 -22.97 -9.22 -22.15
CA GLU G 28 -22.77 -7.82 -22.60
C GLU G 28 -22.15 -7.16 -21.36
N ALA G 29 -21.11 -6.34 -21.56
CA ALA G 29 -20.44 -5.71 -20.44
C ALA G 29 -20.07 -4.25 -20.66
N LEU G 30 -20.21 -3.50 -19.61
CA LEU G 30 -19.95 -2.08 -19.67
C LEU G 30 -18.41 -1.86 -19.59
N LEU G 31 -17.87 -1.02 -20.47
CA LEU G 31 -16.48 -0.63 -20.49
C LEU G 31 -16.24 0.57 -19.55
N ASP G 32 -15.54 0.34 -18.46
CA ASP G 32 -15.59 1.30 -17.34
C ASP G 32 -14.21 1.73 -16.75
N THR G 33 -13.61 2.79 -17.28
CA THR G 33 -12.37 3.32 -16.71
C THR G 33 -12.45 3.73 -15.20
N GLY G 34 -13.64 3.96 -14.70
CA GLY G 34 -13.85 4.26 -13.28
C GLY G 34 -14.00 3.00 -12.49
N ALA G 35 -13.78 1.85 -13.11
CA ALA G 35 -13.86 0.60 -12.34
C ALA G 35 -12.44 0.09 -11.95
N ASP G 36 -12.15 -0.01 -10.63
CA ASP G 36 -10.83 -0.53 -10.15
C ASP G 36 -10.66 -1.97 -10.56
N MET G 37 -11.70 -2.79 -10.35
CA MET G 37 -11.64 -4.10 -10.94
C MET G 37 -12.93 -4.59 -11.56
N THR G 38 -12.77 -5.53 -12.49
CA THR G 38 -13.88 -6.17 -13.21
C THR G 38 -14.98 -6.75 -12.32
N VAL G 39 -16.24 -6.57 -12.72
CA VAL G 39 -17.39 -7.13 -12.00
C VAL G 39 -18.14 -8.20 -12.87
N ILE G 40 -18.40 -9.35 -12.28
CA ILE G 40 -19.05 -10.49 -12.97
C ILE G 40 -20.34 -10.84 -12.24
N PRO G 41 -21.44 -11.12 -12.98
CA PRO G 41 -22.72 -11.54 -12.30
C PRO G 41 -22.64 -12.91 -11.56
N ILE G 42 -23.23 -13.00 -10.35
CA ILE G 42 -23.19 -14.26 -9.56
C ILE G 42 -23.71 -15.42 -10.39
N ALA G 43 -24.76 -15.19 -11.18
CA ALA G 43 -25.27 -16.25 -12.07
C ALA G 43 -24.28 -16.92 -13.07
N LEU G 44 -23.03 -16.47 -13.26
CA LEU G 44 -22.17 -17.18 -14.21
C LEU G 44 -21.52 -18.33 -13.49
N PHE G 45 -21.52 -18.31 -12.14
CA PHE G 45 -20.86 -19.35 -11.32
C PHE G 45 -21.90 -20.37 -10.97
N SER G 46 -21.50 -21.59 -10.56
CA SER G 46 -22.53 -22.56 -10.11
C SER G 46 -22.85 -22.38 -8.60
N SER G 47 -24.01 -22.89 -8.17
CA SER G 47 -24.46 -22.65 -6.77
C SER G 47 -23.45 -23.33 -5.84
N ASN G 48 -23.47 -23.05 -4.54
CA ASN G 48 -22.37 -23.59 -3.68
C ASN G 48 -20.98 -23.57 -4.36
N THR G 49 -20.55 -22.43 -4.91
CA THR G 49 -19.11 -22.26 -5.01
C THR G 49 -18.73 -21.31 -3.87
N PRO G 50 -17.57 -21.58 -3.19
CA PRO G 50 -16.91 -20.63 -2.25
C PRO G 50 -16.50 -19.31 -2.93
N LEU G 51 -17.12 -18.22 -2.47
CA LEU G 51 -16.70 -16.89 -2.83
C LEU G 51 -16.31 -16.15 -1.55
N LYS G 52 -15.32 -15.28 -1.65
CA LYS G 52 -14.82 -14.59 -0.48
C LYS G 52 -15.67 -13.36 -0.18
N ASN G 53 -15.95 -13.09 1.09
CA ASN G 53 -16.43 -11.77 1.46
C ASN G 53 -15.43 -10.63 1.05
N THR G 54 -15.97 -9.43 0.78
CA THR G 54 -15.20 -8.28 0.28
C THR G 54 -16.09 -7.04 0.41
N SER G 55 -15.47 -5.87 0.60
CA SER G 55 -16.19 -4.57 0.64
C SER G 55 -15.94 -3.86 -0.68
N VAL G 56 -16.93 -3.13 -1.18
CA VAL G 56 -16.77 -2.40 -2.42
C VAL G 56 -17.24 -0.99 -2.14
N LEU G 57 -16.57 0.03 -2.67
CA LEU G 57 -17.07 1.41 -2.60
C LEU G 57 -17.83 1.78 -3.89
N GLY G 58 -19.14 2.02 -3.82
CA GLY G 58 -19.89 2.47 -4.99
C GLY G 58 -20.50 3.85 -4.81
N ALA G 59 -21.23 4.34 -5.81
CA ALA G 59 -21.85 5.67 -5.81
C ALA G 59 -22.62 5.87 -4.54
N GLY G 60 -23.29 4.84 -4.08
CA GLY G 60 -24.05 4.93 -2.87
C GLY G 60 -23.27 4.66 -1.59
N GLY G 61 -21.94 4.66 -1.62
CA GLY G 61 -21.11 4.49 -0.41
C GLY G 61 -20.52 3.10 -0.31
N GLN G 62 -20.15 2.68 0.91
CA GLN G 62 -19.63 1.30 1.17
C GLN G 62 -20.65 0.19 1.34
N THR G 63 -20.39 -0.90 0.62
CA THR G 63 -21.24 -2.09 0.65
C THR G 63 -20.40 -3.32 1.07
N GLN G 64 -20.83 -4.00 2.15
CA GLN G 64 -20.11 -5.19 2.67
C GLN G 64 -20.58 -6.51 2.09
N ASP G 65 -21.87 -6.62 1.79
CA ASP G 65 -22.42 -7.90 1.38
C ASP G 65 -22.88 -8.05 -0.06
N HIS G 66 -22.93 -6.97 -0.83
CA HIS G 66 -23.38 -7.02 -2.26
C HIS G 66 -22.42 -7.74 -3.20
N PHE G 67 -21.12 -7.61 -2.92
CA PHE G 67 -20.11 -8.17 -3.80
C PHE G 67 -19.22 -9.19 -3.07
N LYS G 68 -19.02 -10.35 -3.70
CA LYS G 68 -18.04 -11.30 -3.19
C LYS G 68 -16.89 -11.18 -4.14
N LEU G 69 -15.80 -11.85 -3.78
CA LEU G 69 -14.61 -11.98 -4.56
C LEU G 69 -14.39 -13.47 -4.88
N THR G 70 -13.81 -13.78 -6.05
CA THR G 70 -13.73 -15.18 -6.53
C THR G 70 -12.55 -15.90 -5.92
N SER G 71 -12.63 -17.23 -5.75
CA SER G 71 -11.45 -17.95 -5.27
C SER G 71 -10.43 -18.18 -6.38
N LEU G 72 -10.92 -18.42 -7.61
CA LEU G 72 -10.04 -18.78 -8.73
C LEU G 72 -9.97 -17.66 -9.73
N PRO G 73 -8.95 -17.66 -10.62
CA PRO G 73 -8.92 -16.67 -11.69
C PRO G 73 -10.09 -16.82 -12.63
N VAL G 74 -10.40 -15.74 -13.33
CA VAL G 74 -11.51 -15.65 -14.27
C VAL G 74 -10.81 -15.23 -15.56
N LEU G 75 -11.10 -15.91 -16.66
CA LEU G 75 -10.48 -15.62 -17.96
C LEU G 75 -11.56 -14.97 -18.83
N ILE G 76 -11.14 -14.09 -19.72
CA ILE G 76 -12.08 -13.25 -20.44
C ILE G 76 -11.59 -13.12 -21.86
N ARG G 77 -12.36 -13.67 -22.81
CA ARG G 77 -12.09 -13.51 -24.26
C ARG G 77 -12.91 -12.36 -24.88
N LEU G 78 -12.30 -11.49 -25.69
CA LEU G 78 -13.02 -10.32 -26.26
C LEU G 78 -13.28 -10.50 -27.77
N PRO G 79 -14.22 -9.73 -28.36
CA PRO G 79 -14.46 -10.10 -29.76
C PRO G 79 -13.19 -10.22 -30.63
N PHE G 80 -12.90 -11.44 -31.07
CA PHE G 80 -11.93 -11.81 -32.13
C PHE G 80 -10.52 -12.08 -31.57
N ARG G 81 -10.49 -12.59 -30.33
CA ARG G 81 -9.28 -12.72 -29.55
C ARG G 81 -9.30 -14.13 -29.08
N THR G 82 -8.14 -14.71 -29.32
CA THR G 82 -7.83 -16.08 -29.10
C THR G 82 -7.48 -16.12 -27.59
N THR G 83 -6.41 -15.35 -27.27
CA THR G 83 -5.74 -15.14 -25.97
C THR G 83 -6.60 -14.50 -24.84
N PRO G 84 -6.79 -15.19 -23.68
CA PRO G 84 -7.58 -14.60 -22.60
C PRO G 84 -7.03 -13.30 -21.96
N ILE G 85 -7.87 -12.65 -21.16
CA ILE G 85 -7.42 -11.74 -20.15
C ILE G 85 -7.47 -12.65 -18.92
N VAL G 86 -6.43 -12.64 -18.08
CA VAL G 86 -6.50 -13.49 -16.89
C VAL G 86 -6.58 -12.57 -15.68
N LEU G 87 -7.61 -12.72 -14.87
CA LEU G 87 -7.80 -11.78 -13.81
C LEU G 87 -7.58 -12.61 -12.61
N THR G 88 -6.64 -12.23 -11.75
CA THR G 88 -6.22 -13.09 -10.66
C THR G 88 -7.43 -13.24 -9.79
N SER G 89 -8.22 -12.18 -9.80
CA SER G 89 -9.36 -12.06 -8.93
C SER G 89 -10.29 -11.09 -9.63
N CYS G 90 -11.58 -11.20 -9.36
CA CYS G 90 -12.44 -10.12 -9.72
C CYS G 90 -13.75 -10.09 -8.91
N LEU G 91 -14.59 -9.09 -9.14
CA LEU G 91 -15.72 -8.95 -8.26
C LEU G 91 -16.87 -9.80 -8.74
N VAL G 92 -17.80 -10.12 -7.84
CA VAL G 92 -18.97 -10.93 -8.14
C VAL G 92 -20.25 -10.28 -7.60
N ASP G 93 -21.18 -9.92 -8.52
CA ASP G 93 -22.46 -9.24 -8.16
C ASP G 93 -23.49 -10.30 -7.73
N THR G 94 -23.96 -10.17 -6.51
CA THR G 94 -24.84 -11.17 -6.01
C THR G 94 -26.28 -10.82 -6.37
N LYS G 95 -26.53 -9.61 -6.91
CA LYS G 95 -27.91 -9.23 -7.31
C LYS G 95 -28.15 -9.42 -8.80
N ASN G 96 -27.15 -9.97 -9.49
CA ASN G 96 -27.18 -10.24 -10.93
C ASN G 96 -27.51 -9.03 -11.79
N ASN G 97 -26.96 -7.87 -11.43
CA ASN G 97 -27.24 -6.61 -12.11
C ASN G 97 -26.14 -6.07 -13.01
N TRP G 98 -24.91 -6.54 -12.85
CA TRP G 98 -23.74 -5.77 -13.35
C TRP G 98 -22.73 -6.63 -14.04
N ALA G 99 -22.22 -6.17 -15.16
CA ALA G 99 -21.16 -6.87 -15.84
C ALA G 99 -20.29 -5.77 -16.42
N ILE G 100 -19.13 -5.58 -15.76
CA ILE G 100 -18.26 -4.43 -15.92
C ILE G 100 -16.80 -4.90 -16.12
N ILE G 101 -16.23 -4.52 -17.25
CA ILE G 101 -14.83 -4.62 -17.56
C ILE G 101 -14.10 -3.37 -17.09
N GLY G 102 -13.29 -3.49 -16.03
CA GLY G 102 -12.63 -2.35 -15.39
C GLY G 102 -11.17 -2.29 -15.73
N ARG G 103 -10.41 -1.42 -15.05
CA ARG G 103 -9.00 -1.18 -15.45
C ARG G 103 -8.04 -2.43 -15.37
N ASP G 104 -8.28 -3.41 -14.47
CA ASP G 104 -7.57 -4.73 -14.54
C ASP G 104 -7.69 -5.31 -15.94
N ALA G 105 -8.93 -5.41 -16.42
CA ALA G 105 -9.16 -5.95 -17.72
C ALA G 105 -8.58 -5.07 -18.83
N LEU G 106 -8.80 -3.77 -18.76
CA LEU G 106 -8.36 -2.88 -19.85
C LEU G 106 -6.82 -2.75 -19.98
N GLN G 107 -6.13 -2.72 -18.85
CA GLN G 107 -4.68 -2.80 -18.83
C GLN G 107 -4.17 -3.95 -19.69
N GLN G 108 -4.73 -5.14 -19.54
CA GLN G 108 -4.28 -6.29 -20.34
C GLN G 108 -4.64 -6.26 -21.84
N CYS G 109 -5.61 -5.44 -22.27
CA CYS G 109 -5.90 -5.13 -23.70
C CYS G 109 -5.10 -3.96 -24.15
N GLN G 110 -4.36 -3.39 -23.21
CA GLN G 110 -3.60 -2.16 -23.46
C GLN G 110 -4.52 -1.06 -24.00
N GLY G 111 -5.74 -0.98 -23.46
CA GLY G 111 -6.63 0.15 -23.74
C GLY G 111 -6.14 1.48 -23.17
N VAL G 112 -6.50 2.59 -23.81
CA VAL G 112 -6.20 3.97 -23.31
C VAL G 112 -7.36 4.97 -23.45
N LEU G 113 -7.44 5.98 -22.58
CA LEU G 113 -8.32 7.10 -22.92
C LEU G 113 -7.54 8.03 -23.80
N TYR G 114 -8.23 8.72 -24.69
CA TYR G 114 -7.61 9.78 -25.42
C TYR G 114 -8.51 10.99 -25.27
N LEU G 115 -7.92 12.09 -24.81
CA LEU G 115 -8.55 13.42 -24.82
C LEU G 115 -7.92 14.36 -25.86
N PRO G 116 -8.61 14.56 -26.99
CA PRO G 116 -7.98 15.20 -28.16
C PRO G 116 -7.39 16.57 -27.87
N PRO H 1 -4.29 14.48 -24.38
CA PRO H 1 -3.31 13.46 -24.03
C PRO H 1 -3.83 11.99 -24.05
N VAL H 2 -2.88 11.06 -23.96
CA VAL H 2 -3.15 9.64 -23.90
C VAL H 2 -3.01 9.24 -22.40
N ILE H 3 -4.09 8.66 -21.83
CA ILE H 3 -4.09 8.18 -20.45
C ILE H 3 -4.13 6.66 -20.43
N PRO H 4 -2.99 6.02 -20.12
CA PRO H 4 -2.93 4.56 -20.07
C PRO H 4 -3.84 4.09 -18.96
N LEU H 5 -4.30 2.84 -19.02
CA LEU H 5 -5.21 2.36 -17.96
C LEU H 5 -4.53 1.32 -17.09
N ASP H 6 -4.56 1.53 -15.78
CA ASP H 6 -3.88 0.68 -14.82
C ASP H 6 -4.81 0.50 -13.63
N PRO H 7 -5.10 -0.74 -13.20
CA PRO H 7 -5.99 -0.87 -12.01
C PRO H 7 -5.38 -0.25 -10.71
N ALA H 8 -4.07 -0.15 -10.64
CA ALA H 8 -3.47 0.41 -9.41
C ALA H 8 -3.43 1.97 -9.41
N ARG H 9 -3.66 2.65 -10.53
CA ARG H 9 -3.55 4.10 -10.56
C ARG H 9 -4.73 4.62 -11.30
N ARG H 10 -5.60 5.35 -10.58
CA ARG H 10 -6.84 5.92 -11.12
C ARG H 10 -6.62 6.97 -12.20
N PRO H 11 -7.32 6.87 -13.35
CA PRO H 11 -7.08 7.88 -14.37
C PRO H 11 -7.68 9.26 -13.88
N VAL H 12 -6.78 10.16 -13.46
CA VAL H 12 -7.20 11.40 -12.79
C VAL H 12 -6.75 12.62 -13.55
N ILE H 13 -7.49 13.69 -13.46
CA ILE H 13 -6.93 14.92 -13.98
C ILE H 13 -7.38 16.12 -13.17
N LYS H 14 -6.55 17.14 -13.22
CA LYS H 14 -6.91 18.38 -12.56
C LYS H 14 -7.91 19.09 -13.45
N ALA H 15 -8.92 19.69 -12.85
CA ALA H 15 -9.85 20.47 -13.61
C ALA H 15 -10.22 21.75 -12.84
N GLN H 16 -10.79 22.69 -13.56
CA GLN H 16 -11.29 23.87 -12.98
C GLN H 16 -12.81 23.95 -13.13
N VAL H 17 -13.50 24.04 -12.01
CA VAL H 17 -14.91 23.96 -12.01
C VAL H 17 -15.56 25.23 -11.50
N ASP H 18 -16.48 25.75 -12.32
CA ASP H 18 -17.30 26.93 -12.01
C ASP H 18 -18.76 26.51 -11.91
N THR H 19 -19.25 26.57 -10.66
CA THR H 19 -20.62 26.26 -10.28
C THR H 19 -21.64 27.38 -10.54
N GLN H 20 -21.07 28.49 -11.03
CA GLN H 20 -21.73 29.75 -11.20
C GLN H 20 -22.28 30.23 -9.88
N THR H 21 -21.90 29.67 -8.74
CA THR H 21 -22.44 30.14 -7.44
C THR H 21 -21.34 30.70 -6.52
N SER H 22 -20.09 30.64 -6.99
CA SER H 22 -18.88 31.03 -6.24
C SER H 22 -17.74 30.89 -7.24
N HIS H 23 -16.55 31.39 -6.88
CA HIS H 23 -15.49 31.45 -7.85
C HIS H 23 -15.05 30.02 -8.17
N PRO H 24 -14.65 29.76 -9.44
CA PRO H 24 -14.14 28.45 -9.87
C PRO H 24 -13.06 27.96 -8.94
N LYS H 25 -13.07 26.66 -8.68
CA LYS H 25 -12.03 26.07 -7.91
C LYS H 25 -11.40 24.90 -8.71
N THR H 26 -10.15 24.61 -8.40
CA THR H 26 -9.43 23.43 -8.84
C THR H 26 -9.82 22.11 -8.10
N ILE H 27 -10.14 21.05 -8.83
CA ILE H 27 -10.37 19.72 -8.23
C ILE H 27 -9.55 18.65 -8.99
N GLU H 28 -9.46 17.49 -8.42
CA GLU H 28 -8.91 16.32 -9.09
C GLU H 28 -10.07 15.40 -9.42
N ALA H 29 -10.15 14.95 -10.65
CA ALA H 29 -11.36 14.25 -11.06
C ALA H 29 -11.07 12.92 -11.74
N LEU H 30 -11.85 11.91 -11.36
CA LEU H 30 -11.75 10.59 -11.98
C LEU H 30 -12.35 10.59 -13.37
N LEU H 31 -11.61 10.13 -14.38
CA LEU H 31 -12.16 10.07 -15.72
C LEU H 31 -12.87 8.75 -15.86
N ASP H 32 -14.18 8.77 -16.09
CA ASP H 32 -14.98 7.58 -15.90
C ASP H 32 -15.98 7.29 -17.01
N THR H 33 -15.56 6.41 -17.95
CA THR H 33 -16.42 6.03 -19.07
C THR H 33 -17.70 5.23 -18.66
N GLY H 34 -17.76 4.86 -17.37
CA GLY H 34 -18.85 4.15 -16.76
C GLY H 34 -19.81 5.03 -16.03
N ALA H 35 -19.69 6.34 -16.18
CA ALA H 35 -20.60 7.27 -15.50
C ALA H 35 -21.42 8.01 -16.55
N ASP H 36 -22.75 8.05 -16.42
CA ASP H 36 -23.58 8.69 -17.46
C ASP H 36 -23.47 10.19 -17.34
N MET H 37 -23.27 10.72 -16.13
CA MET H 37 -23.08 12.14 -15.95
C MET H 37 -21.95 12.46 -15.00
N THR H 38 -21.42 13.68 -15.10
CA THR H 38 -20.33 14.14 -14.29
C THR H 38 -20.79 14.38 -12.87
N VAL H 39 -19.93 14.13 -11.88
CA VAL H 39 -20.25 14.28 -10.43
C VAL H 39 -19.28 15.28 -9.80
N ILE H 40 -19.78 16.34 -9.17
CA ILE H 40 -18.84 17.27 -8.49
C ILE H 40 -19.19 17.38 -6.99
N PRO H 41 -18.18 17.60 -6.13
CA PRO H 41 -18.40 17.68 -4.67
C PRO H 41 -19.31 18.86 -4.22
N ILE H 42 -20.26 18.67 -3.28
CA ILE H 42 -21.13 19.76 -2.77
C ILE H 42 -20.31 20.96 -2.17
N ALA H 43 -19.07 20.69 -1.75
CA ALA H 43 -18.20 21.73 -1.19
C ALA H 43 -17.78 22.83 -2.14
N LEU H 44 -18.06 22.68 -3.43
CA LEU H 44 -17.74 23.71 -4.40
C LEU H 44 -18.83 24.79 -4.43
N PHE H 45 -20.01 24.47 -3.90
CA PHE H 45 -21.15 25.39 -3.97
C PHE H 45 -21.19 26.18 -2.66
N SER H 46 -21.52 27.46 -2.77
CA SER H 46 -21.73 28.27 -1.59
C SER H 46 -22.92 27.78 -0.73
N SER H 47 -22.91 28.11 0.56
CA SER H 47 -23.95 27.73 1.55
C SER H 47 -25.41 27.76 1.07
N ASN H 48 -25.79 28.85 0.39
CA ASN H 48 -27.22 29.07 0.03
C ASN H 48 -27.51 28.66 -1.42
N THR H 49 -27.21 27.40 -1.73
CA THR H 49 -27.58 26.91 -3.03
C THR H 49 -28.82 26.01 -2.96
N PRO H 50 -29.82 26.32 -3.82
CA PRO H 50 -30.88 25.35 -4.01
C PRO H 50 -30.40 24.33 -5.05
N LEU H 51 -30.68 23.07 -4.80
CA LEU H 51 -30.34 21.97 -5.69
C LEU H 51 -31.49 20.96 -5.66
N LYS H 52 -31.87 20.37 -6.79
CA LYS H 52 -32.95 19.36 -6.78
C LYS H 52 -32.50 17.96 -6.27
N ASN H 53 -33.44 17.18 -5.76
CA ASN H 53 -33.19 15.78 -5.42
C ASN H 53 -33.21 14.96 -6.66
N THR H 54 -32.44 13.87 -6.60
CA THR H 54 -32.40 12.92 -7.68
C THR H 54 -31.92 11.57 -7.16
N SER H 55 -32.01 10.53 -7.95
CA SER H 55 -31.51 9.24 -7.53
C SER H 55 -30.47 8.76 -8.50
N VAL H 56 -29.49 8.01 -7.99
CA VAL H 56 -28.39 7.48 -8.81
C VAL H 56 -28.30 5.95 -8.70
N LEU H 57 -28.09 5.31 -9.84
CA LEU H 57 -27.79 3.88 -9.86
C LEU H 57 -26.28 3.63 -9.70
N GLY H 58 -25.88 2.99 -8.61
CA GLY H 58 -24.49 2.74 -8.30
C GLY H 58 -24.23 1.24 -8.16
N ALA H 59 -22.98 0.84 -7.85
CA ALA H 59 -22.61 -0.55 -7.66
C ALA H 59 -23.49 -1.31 -6.65
N GLY H 60 -23.66 -0.77 -5.45
CA GLY H 60 -24.56 -1.40 -4.47
C GLY H 60 -26.06 -1.02 -4.52
N GLY H 61 -26.52 -0.48 -5.64
CA GLY H 61 -27.92 -0.14 -5.74
C GLY H 61 -28.19 1.34 -5.96
N GLN H 62 -29.51 1.67 -5.99
CA GLN H 62 -30.02 3.01 -6.20
C GLN H 62 -29.99 3.76 -4.91
N THR H 63 -29.36 4.91 -4.94
CA THR H 63 -29.15 5.73 -3.79
C THR H 63 -29.86 7.02 -4.09
N GLN H 64 -30.61 7.52 -3.12
CA GLN H 64 -31.23 8.84 -3.21
C GLN H 64 -30.65 9.87 -2.24
N ASP H 65 -29.66 9.49 -1.44
CA ASP H 65 -29.19 10.33 -0.34
C ASP H 65 -27.90 11.04 -0.65
N HIS H 66 -27.09 10.44 -1.53
CA HIS H 66 -25.75 10.94 -1.74
C HIS H 66 -25.65 12.00 -2.83
N PHE H 67 -26.66 12.16 -3.68
CA PHE H 67 -26.56 13.12 -4.81
C PHE H 67 -27.73 14.06 -4.99
N LYS H 68 -27.44 15.15 -5.68
CA LYS H 68 -28.41 16.10 -6.09
C LYS H 68 -28.07 16.59 -7.48
N LEU H 69 -29.05 17.25 -8.13
CA LEU H 69 -28.89 17.93 -9.42
C LEU H 69 -28.75 19.41 -9.26
N THR H 70 -27.87 19.99 -10.08
CA THR H 70 -27.72 21.43 -10.20
C THR H 70 -28.84 21.94 -11.10
N SER H 71 -29.33 23.15 -10.86
CA SER H 71 -30.33 23.68 -11.78
C SER H 71 -29.77 24.69 -12.77
N LEU H 72 -28.53 25.11 -12.54
CA LEU H 72 -27.76 25.88 -13.49
C LEU H 72 -26.61 25.03 -14.04
N PRO H 73 -26.21 25.29 -15.30
CA PRO H 73 -25.07 24.64 -15.91
C PRO H 73 -23.79 24.80 -15.08
N VAL H 74 -22.85 23.90 -15.34
CA VAL H 74 -21.60 23.90 -14.64
C VAL H 74 -20.56 24.03 -15.74
N LEU H 75 -19.53 24.83 -15.52
CA LEU H 75 -18.44 24.99 -16.51
C LEU H 75 -17.13 24.32 -16.07
N ILE H 76 -16.47 23.61 -16.98
CA ILE H 76 -15.28 22.89 -16.67
C ILE H 76 -14.23 23.19 -17.72
N ARG H 77 -13.05 23.58 -17.23
CA ARG H 77 -11.88 23.83 -18.06
C ARG H 77 -10.79 22.81 -17.77
N LEU H 78 -10.37 22.05 -18.76
CA LEU H 78 -9.24 21.14 -18.57
C LEU H 78 -7.89 21.87 -18.76
N PRO H 79 -6.84 21.31 -18.17
CA PRO H 79 -5.48 21.81 -18.09
C PRO H 79 -4.94 22.72 -19.17
N PHE H 80 -5.06 22.35 -20.42
CA PHE H 80 -4.41 23.23 -21.37
C PHE H 80 -5.44 23.39 -22.45
N ARG H 81 -6.40 24.29 -22.19
CA ARG H 81 -7.56 24.50 -23.07
C ARG H 81 -8.25 25.75 -22.55
N THR H 82 -8.59 26.70 -23.42
CA THR H 82 -9.19 27.95 -22.93
C THR H 82 -10.68 27.77 -22.82
N THR H 83 -11.23 27.00 -23.77
CA THR H 83 -12.68 26.82 -23.96
C THR H 83 -13.27 25.81 -22.98
N PRO H 84 -14.32 26.23 -22.21
CA PRO H 84 -14.85 25.36 -21.17
C PRO H 84 -15.81 24.35 -21.79
N ILE H 85 -15.86 23.11 -21.23
CA ILE H 85 -17.02 22.22 -21.28
C ILE H 85 -18.13 22.89 -20.48
N VAL H 86 -19.37 22.84 -20.97
CA VAL H 86 -20.53 23.37 -20.25
C VAL H 86 -21.59 22.27 -20.13
N LEU H 87 -21.78 21.74 -18.94
CA LEU H 87 -22.80 20.76 -18.67
C LEU H 87 -24.12 21.47 -18.37
N THR H 88 -25.23 21.05 -19.01
CA THR H 88 -26.56 21.65 -18.79
C THR H 88 -26.97 21.57 -17.33
N SER H 89 -26.48 20.53 -16.69
CA SER H 89 -26.82 20.13 -15.35
C SER H 89 -25.85 19.01 -14.93
N CYS H 90 -25.57 18.88 -13.63
CA CYS H 90 -24.82 17.73 -13.17
C CYS H 90 -25.08 17.28 -11.76
N LEU H 91 -24.56 16.10 -11.43
CA LEU H 91 -24.71 15.49 -10.15
C LEU H 91 -23.82 16.17 -9.13
N VAL H 92 -24.33 16.31 -7.92
CA VAL H 92 -23.56 16.86 -6.85
C VAL H 92 -23.51 15.86 -5.73
N ASP H 93 -22.29 15.46 -5.32
CA ASP H 93 -22.12 14.52 -4.20
C ASP H 93 -22.20 15.24 -2.86
N THR H 94 -23.24 14.99 -2.09
CA THR H 94 -23.43 15.63 -0.80
C THR H 94 -22.54 15.11 0.33
N LYS H 95 -21.91 13.95 0.15
CA LYS H 95 -20.92 13.47 1.16
C LYS H 95 -19.46 13.83 0.82
N ASN H 96 -19.27 14.71 -0.18
CA ASN H 96 -17.96 15.24 -0.59
C ASN H 96 -16.87 14.21 -0.89
N ASN H 97 -17.24 13.09 -1.48
CA ASN H 97 -16.26 11.99 -1.81
C ASN H 97 -15.71 11.82 -3.25
N TRP H 98 -16.42 12.36 -4.24
CA TRP H 98 -16.20 12.03 -5.61
C TRP H 98 -16.23 13.28 -6.45
N ALA H 99 -15.35 13.26 -7.43
CA ALA H 99 -15.33 14.24 -8.45
C ALA H 99 -15.04 13.31 -9.62
N ILE H 100 -16.05 13.11 -10.47
CA ILE H 100 -15.94 12.24 -11.59
C ILE H 100 -16.25 13.05 -12.86
N ILE H 101 -15.49 12.86 -13.93
CA ILE H 101 -15.85 13.43 -15.21
C ILE H 101 -16.49 12.32 -16.04
N GLY H 102 -17.76 12.42 -16.36
CA GLY H 102 -18.46 11.37 -17.09
C GLY H 102 -18.49 11.55 -18.60
N ARG H 103 -19.35 10.80 -19.27
CA ARG H 103 -19.41 10.78 -20.69
C ARG H 103 -20.05 12.01 -21.31
N ASP H 104 -20.81 12.78 -20.51
CA ASP H 104 -21.35 14.10 -20.90
C ASP H 104 -20.21 15.09 -21.18
N ALA H 105 -19.23 15.11 -20.28
CA ALA H 105 -18.12 16.07 -20.41
C ALA H 105 -17.13 15.49 -21.41
N LEU H 106 -17.00 14.17 -21.38
CA LEU H 106 -16.09 13.54 -22.32
C LEU H 106 -16.65 13.71 -23.77
N GLN H 107 -17.97 13.59 -23.96
CA GLN H 107 -18.50 13.83 -25.28
C GLN H 107 -18.09 15.23 -25.72
N GLN H 108 -18.18 16.20 -24.81
CA GLN H 108 -17.92 17.61 -25.21
C GLN H 108 -16.53 17.81 -25.69
N CYS H 109 -15.56 17.20 -25.03
CA CYS H 109 -14.18 17.45 -25.44
C CYS H 109 -13.64 16.37 -26.40
N GLN H 110 -14.57 15.54 -26.89
CA GLN H 110 -14.33 14.52 -27.90
C GLN H 110 -13.30 13.45 -27.48
N GLY H 111 -13.43 13.01 -26.23
CA GLY H 111 -12.68 11.91 -25.70
C GLY H 111 -13.20 10.61 -26.28
N VAL H 112 -12.28 9.64 -26.33
CA VAL H 112 -12.52 8.28 -26.85
C VAL H 112 -11.78 7.27 -25.99
N LEU H 113 -12.38 6.10 -25.84
CA LEU H 113 -11.74 4.95 -25.26
C LEU H 113 -11.12 4.31 -26.49
N TYR H 114 -9.93 3.76 -26.42
CA TYR H 114 -9.39 3.09 -27.61
C TYR H 114 -8.77 1.75 -27.22
N LEU H 115 -9.27 0.63 -27.77
CA LEU H 115 -8.71 -0.71 -27.49
C LEU H 115 -7.94 -1.20 -28.72
N PRO H 116 -6.61 -1.27 -28.62
CA PRO H 116 -5.75 -1.67 -29.74
C PRO H 116 -6.30 -2.89 -30.44
C ACE I 1 -33.38 6.30 -14.42
O ACE I 1 -33.28 7.34 -15.09
CH3 ACE I 1 -34.31 5.15 -14.84
N ALA I 2 -32.71 6.10 -13.30
CA ALA I 2 -31.63 7.00 -12.85
C ALA I 2 -30.45 7.01 -13.88
N PRO I 3 -29.67 8.10 -13.97
CA PRO I 3 -28.39 7.86 -14.63
C PRO I 3 -27.50 6.89 -13.80
N GLN I 4 -26.66 6.09 -14.48
CA GLN I 4 -25.72 5.19 -13.81
C GLN I 4 -24.35 5.84 -13.54
N VAL I 5 -23.73 5.47 -12.43
CA VAL I 5 -22.37 5.90 -12.14
C VAL I 5 -21.61 4.73 -11.55
N STA I 6 -20.62 4.27 -12.30
CA STA I 6 -19.95 3.04 -11.95
CB STA I 6 -20.37 1.91 -12.93
CG STA I 6 -21.72 1.13 -12.86
CD1 STA I 6 -22.81 1.69 -13.71
CD2 STA I 6 -22.33 0.71 -11.49
CH STA I 6 -18.38 3.23 -11.85
OH STA I 6 -17.87 4.00 -12.94
CM STA I 6 -17.83 3.85 -10.52
C STA I 6 -17.61 2.75 -9.49
O STA I 6 -18.52 2.44 -8.76
N VAL I 7 -16.49 2.05 -9.58
CA VAL I 7 -16.22 0.95 -8.61
C VAL I 7 -14.80 0.99 -8.00
N MET I 8 -14.71 1.07 -6.68
CA MET I 8 -13.42 1.19 -5.99
C MET I 8 -13.15 0.10 -4.96
N HIS I 9 -11.88 -0.26 -4.82
CA HIS I 9 -11.45 -1.26 -3.84
C HIS I 9 -11.45 -0.75 -2.37
N PRO I 10 -10.73 -1.43 -1.44
CA PRO I 10 -11.26 -1.48 -0.07
C PRO I 10 -12.64 -0.82 0.14
P PO4 J . 14.73 -21.54 -19.65
O1 PO4 J . 15.12 -20.29 -18.89
O2 PO4 J . 15.74 -22.61 -19.26
O3 PO4 J . 13.35 -22.01 -19.20
O4 PO4 J . 14.72 -21.24 -21.13
P PO4 K . 29.03 13.51 -1.51
O1 PO4 K . 28.91 13.88 -0.03
O2 PO4 K . 29.51 12.09 -1.60
O3 PO4 K . 27.71 13.71 -2.21
O4 PO4 K . 30.04 14.42 -2.15
#